data_4G19
#
_entry.id   4G19
#
_cell.length_a   86.573
_cell.length_b   88.146
_cell.length_c   156.490
_cell.angle_alpha   90.00
_cell.angle_beta   90.00
_cell.angle_gamma   90.00
#
_symmetry.space_group_name_H-M   'P 21 21 21'
#
loop_
_entity.id
_entity.type
_entity.pdbx_description
1 polymer 'Glutathione transferase GTE1'
2 non-polymer 'ACETATE ION'
3 non-polymer GLUTATHIONE
4 non-polymer GLYCEROL
5 water water
#
_entity_poly.entity_id   1
_entity_poly.type   'polypeptide(L)'
_entity_poly.pdbx_seq_one_letter_code
;MAQPIVFYDIPSNERIKHSPWSPNTWKIRYALNYKGLKYKTEWVEYPDIAGVVQKLGGKPTEKTPDGRDHYTLPVIYDPN
TKKVVEDSAAIAKYLDETYPDTPKLFPAGTDAFQAAFLDFAWPVLGFPVFMLVILDTANSLLPRSHDYFRSTREQKFGKK
LEELATEEEWAKVEAGLAKLKGYLDANGKGNDLLLMGAQGGITYSDIQIASFFVWAKIIWGEGSEKWKRLISLHDGKWAQ
FYAQFTKFEQVDV
;
_entity_poly.pdbx_strand_id   A,B,C,D
#
# COMPACT_ATOMS: atom_id res chain seq x y z
N ALA A 2 58.02 -17.92 -2.77
CA ALA A 2 56.67 -17.89 -2.22
C ALA A 2 56.49 -19.02 -1.22
N GLN A 3 55.99 -18.68 -0.04
CA GLN A 3 55.68 -19.69 0.97
C GLN A 3 54.28 -20.23 0.70
N PRO A 4 54.05 -21.52 1.01
CA PRO A 4 52.71 -22.10 0.80
C PRO A 4 51.66 -21.42 1.66
N ILE A 5 50.49 -21.19 1.06
CA ILE A 5 49.34 -20.72 1.82
C ILE A 5 48.89 -21.89 2.71
N VAL A 6 48.41 -21.59 3.91
CA VAL A 6 47.88 -22.64 4.76
C VAL A 6 46.37 -22.73 4.54
N PHE A 7 45.91 -23.93 4.16
CA PHE A 7 44.52 -24.18 3.78
C PHE A 7 43.83 -25.09 4.79
N TYR A 8 42.78 -24.58 5.44
CA TYR A 8 42.11 -25.33 6.51
C TYR A 8 40.89 -26.06 5.96
N ASP A 9 40.88 -27.38 6.14
CA ASP A 9 39.90 -28.25 5.50
C ASP A 9 39.43 -29.30 6.52
N ILE A 10 38.30 -29.96 6.25
CA ILE A 10 37.77 -30.99 7.13
C ILE A 10 38.18 -32.40 6.69
N PRO A 11 38.81 -33.16 7.58
CA PRO A 11 39.32 -34.47 7.21
C PRO A 11 38.21 -35.52 7.09
N SER A 12 38.58 -36.72 6.67
CA SER A 12 37.62 -37.81 6.56
C SER A 12 38.28 -39.15 6.92
N ASN A 13 37.45 -40.18 7.07
CA ASN A 13 37.95 -41.50 7.47
C ASN A 13 38.31 -42.39 6.28
N GLU A 14 38.48 -43.68 6.53
CA GLU A 14 38.93 -44.62 5.50
C GLU A 14 37.93 -44.90 4.38
N ARG A 15 36.65 -44.63 4.65
CA ARG A 15 35.60 -44.89 3.66
C ARG A 15 35.92 -44.23 2.31
N ILE A 16 36.46 -43.02 2.37
CA ILE A 16 36.86 -42.34 1.14
C ILE A 16 38.36 -42.10 1.13
N LYS A 17 39.07 -42.97 1.84
CA LYS A 17 40.53 -42.94 1.93
C LYS A 17 41.09 -41.58 2.35
N HIS A 18 40.41 -40.97 3.31
CA HIS A 18 40.84 -39.70 3.90
C HIS A 18 40.88 -38.53 2.92
N SER A 19 40.20 -38.67 1.78
CA SER A 19 40.14 -37.60 0.78
C SER A 19 39.40 -36.35 1.31
N PRO A 20 39.82 -35.15 0.87
CA PRO A 20 38.98 -33.97 1.11
C PRO A 20 37.65 -34.15 0.38
N TRP A 21 36.57 -33.57 0.86
CA TRP A 21 35.24 -33.93 0.35
C TRP A 21 34.26 -32.75 0.36
N SER A 22 34.46 -31.78 1.27
CA SER A 22 33.47 -30.71 1.42
C SER A 22 33.32 -29.87 0.16
N PRO A 23 32.08 -29.60 -0.27
CA PRO A 23 31.84 -28.78 -1.45
C PRO A 23 32.26 -27.34 -1.19
N ASN A 24 32.21 -26.92 0.07
CA ASN A 24 32.61 -25.57 0.43
C ASN A 24 34.12 -25.37 0.39
N THR A 25 34.87 -26.28 1.00
CA THR A 25 36.32 -26.16 0.96
C THR A 25 36.84 -26.48 -0.43
N TRP A 26 36.15 -27.36 -1.15
CA TRP A 26 36.58 -27.67 -2.51
C TRP A 26 36.55 -26.45 -3.45
N LYS A 27 35.69 -25.48 -3.17
CA LYS A 27 35.67 -24.25 -3.99
C LYS A 27 37.04 -23.57 -3.93
N ILE A 28 37.64 -23.60 -2.75
CA ILE A 28 38.93 -22.96 -2.54
C ILE A 28 40.07 -23.88 -2.92
N ARG A 29 39.90 -25.18 -2.73
CA ARG A 29 40.88 -26.13 -3.25
C ARG A 29 41.00 -25.99 -4.76
N TYR A 30 39.85 -25.94 -5.43
CA TYR A 30 39.81 -25.69 -6.86
C TYR A 30 40.48 -24.35 -7.22
N ALA A 31 40.19 -23.30 -6.46
CA ALA A 31 40.73 -21.96 -6.75
C ALA A 31 42.25 -21.97 -6.69
N LEU A 32 42.78 -22.51 -5.60
CA LEU A 32 44.23 -22.61 -5.41
C LEU A 32 44.88 -23.44 -6.51
N ASN A 33 44.27 -24.58 -6.83
CA ASN A 33 44.78 -25.47 -7.87
C ASN A 33 44.75 -24.80 -9.25
N TYR A 34 43.62 -24.18 -9.53
CA TYR A 34 43.41 -23.50 -10.80
C TYR A 34 44.41 -22.36 -11.00
N LYS A 35 44.68 -21.64 -9.91
CA LYS A 35 45.60 -20.50 -9.96
C LYS A 35 47.05 -20.93 -9.89
N GLY A 36 47.28 -22.20 -9.56
CA GLY A 36 48.63 -22.76 -9.48
C GLY A 36 49.40 -22.25 -8.28
N LEU A 37 48.69 -21.92 -7.22
CA LEU A 37 49.33 -21.38 -6.03
C LEU A 37 49.74 -22.53 -5.12
N LYS A 38 50.89 -22.38 -4.46
CA LYS A 38 51.34 -23.40 -3.52
C LYS A 38 50.58 -23.28 -2.20
N TYR A 39 50.19 -24.42 -1.64
CA TYR A 39 49.51 -24.42 -0.36
C TYR A 39 49.72 -25.75 0.35
N LYS A 40 49.37 -25.79 1.63
CA LYS A 40 49.35 -27.04 2.37
C LYS A 40 48.08 -27.08 3.19
N THR A 41 47.54 -28.28 3.35
CA THR A 41 46.29 -28.43 4.07
C THR A 41 46.53 -28.66 5.56
N GLU A 42 45.81 -27.91 6.39
CA GLU A 42 45.68 -28.21 7.82
C GLU A 42 44.29 -28.80 8.01
N TRP A 43 44.21 -29.96 8.64
CA TRP A 43 42.94 -30.66 8.83
C TRP A 43 42.27 -30.31 10.16
N VAL A 44 41.00 -29.91 10.10
CA VAL A 44 40.27 -29.53 11.30
C VAL A 44 38.89 -30.22 11.40
N GLU A 45 38.66 -30.96 12.49
CA GLU A 45 37.34 -31.58 12.72
C GLU A 45 36.29 -30.52 12.97
N TYR A 46 35.05 -30.82 12.57
CA TYR A 46 33.91 -29.91 12.76
C TYR A 46 33.85 -29.22 14.13
N PRO A 47 33.87 -30.00 15.24
CA PRO A 47 33.69 -29.30 16.52
C PRO A 47 34.88 -28.41 16.90
N ASP A 48 35.99 -28.54 16.21
CA ASP A 48 37.18 -27.76 16.55
C ASP A 48 37.32 -26.47 15.71
N ILE A 49 36.47 -26.31 14.70
CA ILE A 49 36.62 -25.19 13.76
C ILE A 49 36.57 -23.82 14.47
N ALA A 50 35.57 -23.63 15.32
CA ALA A 50 35.39 -22.37 16.02
C ALA A 50 36.64 -21.96 16.80
N GLY A 51 37.17 -22.89 17.59
CA GLY A 51 38.37 -22.63 18.37
C GLY A 51 39.59 -22.41 17.50
N VAL A 52 39.74 -23.20 16.44
CA VAL A 52 40.91 -23.04 15.57
C VAL A 52 40.89 -21.68 14.86
N VAL A 53 39.75 -21.30 14.31
CA VAL A 53 39.64 -20.01 13.62
C VAL A 53 39.84 -18.83 14.59
N GLN A 54 39.23 -18.89 15.76
CA GLN A 54 39.43 -17.86 16.79
C GLN A 54 40.90 -17.71 17.17
N LYS A 55 41.60 -18.83 17.33
CA LYS A 55 43.02 -18.81 17.67
C LYS A 55 43.84 -18.16 16.56
N LEU A 56 43.44 -18.40 15.31
CA LEU A 56 44.11 -17.80 14.17
C LEU A 56 43.91 -16.30 14.15
N GLY A 57 42.87 -15.84 14.85
CA GLY A 57 42.49 -14.44 14.81
C GLY A 57 41.49 -14.24 13.69
N GLY A 58 40.92 -15.34 13.20
CA GLY A 58 39.92 -15.29 12.15
C GLY A 58 38.56 -14.89 12.68
N LYS A 59 37.61 -14.71 11.78
CA LYS A 59 36.29 -14.23 12.13
C LYS A 59 35.22 -15.26 11.75
N PRO A 60 34.08 -15.23 12.44
CA PRO A 60 32.94 -16.07 12.04
C PRO A 60 32.37 -15.55 10.72
N THR A 61 31.72 -16.43 9.95
CA THR A 61 31.20 -16.02 8.64
C THR A 61 29.70 -15.79 8.65
N GLU A 62 29.02 -16.20 9.71
CA GLU A 62 27.59 -15.94 9.79
C GLU A 62 27.10 -15.93 11.22
N LYS A 63 25.78 -15.75 11.35
CA LYS A 63 25.11 -15.73 12.64
C LYS A 63 24.13 -16.90 12.69
N THR A 64 24.24 -17.70 13.75
CA THR A 64 23.25 -18.74 14.01
C THR A 64 21.95 -18.04 14.40
N PRO A 65 20.79 -18.71 14.23
CA PRO A 65 19.50 -18.11 14.58
C PRO A 65 19.47 -17.50 15.99
N ASP A 66 20.27 -18.05 16.90
CA ASP A 66 20.35 -17.57 18.28
C ASP A 66 21.05 -16.22 18.37
N GLY A 67 21.65 -15.78 17.28
CA GLY A 67 22.42 -14.54 17.27
C GLY A 67 23.82 -14.78 17.78
N ARG A 68 24.26 -16.05 17.72
CA ARG A 68 25.61 -16.41 18.08
C ARG A 68 26.49 -16.40 16.84
N ASP A 69 27.81 -16.31 17.05
CA ASP A 69 28.76 -16.37 15.95
C ASP A 69 28.89 -17.78 15.41
N HIS A 70 28.98 -17.91 14.10
CA HIS A 70 29.16 -19.21 13.44
C HIS A 70 30.44 -19.24 12.60
N TYR A 71 31.40 -20.06 13.02
CA TYR A 71 32.67 -20.20 12.31
C TYR A 71 32.61 -21.33 11.29
N THR A 72 33.20 -21.09 10.12
CA THR A 72 33.17 -22.03 9.02
C THR A 72 34.52 -22.19 8.34
N LEU A 73 34.68 -23.34 7.68
CA LEU A 73 35.75 -23.55 6.73
C LEU A 73 35.14 -23.52 5.33
N PRO A 74 35.93 -23.17 4.30
CA PRO A 74 37.37 -22.92 4.32
C PRO A 74 37.78 -21.59 4.95
N VAL A 75 39.00 -21.60 5.46
CA VAL A 75 39.72 -20.43 5.88
C VAL A 75 41.14 -20.65 5.39
N ILE A 76 41.85 -19.57 5.02
CA ILE A 76 43.26 -19.67 4.74
C ILE A 76 44.08 -18.72 5.63
N TYR A 77 45.34 -19.07 5.82
CA TYR A 77 46.30 -18.15 6.38
C TYR A 77 47.38 -17.99 5.35
N ASP A 78 47.55 -16.77 4.85
CA ASP A 78 48.57 -16.52 3.84
C ASP A 78 49.79 -15.95 4.55
N PRO A 79 50.86 -16.75 4.71
CA PRO A 79 52.06 -16.29 5.39
C PRO A 79 52.74 -15.14 4.63
N ASN A 80 52.43 -15.03 3.34
CA ASN A 80 53.01 -14.00 2.49
C ASN A 80 52.48 -12.59 2.73
N THR A 81 51.31 -12.49 3.36
CA THR A 81 50.70 -11.21 3.63
C THR A 81 50.32 -11.14 5.08
N LYS A 82 50.53 -12.26 5.77
CA LYS A 82 50.16 -12.45 7.17
C LYS A 82 48.68 -12.21 7.39
N LYS A 83 47.86 -12.64 6.43
CA LYS A 83 46.44 -12.42 6.53
C LYS A 83 45.68 -13.73 6.69
N VAL A 84 44.72 -13.72 7.59
CA VAL A 84 43.75 -14.80 7.69
C VAL A 84 42.50 -14.36 6.94
N VAL A 85 42.01 -15.22 6.05
CA VAL A 85 40.84 -14.91 5.25
C VAL A 85 39.84 -16.06 5.32
N GLU A 86 38.59 -15.71 5.57
CA GLU A 86 37.51 -16.68 5.72
C GLU A 86 36.41 -16.38 4.72
N ASP A 87 35.46 -17.32 4.59
CA ASP A 87 34.34 -17.24 3.64
C ASP A 87 34.85 -17.46 2.21
N SER A 88 34.43 -18.58 1.61
CA SER A 88 34.99 -19.03 0.34
C SER A 88 34.95 -17.97 -0.79
N ALA A 89 33.83 -17.27 -0.93
CA ALA A 89 33.73 -16.27 -2.01
C ALA A 89 34.74 -15.16 -1.79
N ALA A 90 34.88 -14.74 -0.53
CA ALA A 90 35.85 -13.72 -0.15
C ALA A 90 37.29 -14.19 -0.33
N ILE A 91 37.54 -15.45 0.01
CA ILE A 91 38.87 -16.02 -0.17
C ILE A 91 39.22 -16.00 -1.64
N ALA A 92 38.26 -16.39 -2.48
CA ALA A 92 38.50 -16.41 -3.93
C ALA A 92 38.82 -15.01 -4.47
N LYS A 93 38.10 -14.01 -3.97
CA LYS A 93 38.29 -12.62 -4.41
C LYS A 93 39.67 -12.15 -3.96
N TYR A 94 40.01 -12.48 -2.72
CA TYR A 94 41.32 -12.16 -2.15
C TYR A 94 42.45 -12.70 -3.02
N LEU A 95 42.26 -13.92 -3.51
CA LEU A 95 43.26 -14.58 -4.33
C LEU A 95 43.43 -13.87 -5.69
N ASP A 96 42.31 -13.46 -6.30
CA ASP A 96 42.36 -12.62 -7.51
C ASP A 96 43.19 -11.35 -7.29
N GLU A 97 42.87 -10.63 -6.21
CA GLU A 97 43.48 -9.32 -5.94
C GLU A 97 44.96 -9.43 -5.51
N THR A 98 45.26 -10.40 -4.65
CA THR A 98 46.60 -10.53 -4.09
C THR A 98 47.60 -11.15 -5.05
N TYR A 99 47.09 -11.99 -5.94
CA TYR A 99 47.91 -12.68 -6.91
C TYR A 99 47.40 -12.38 -8.32
N PRO A 100 47.65 -11.16 -8.81
CA PRO A 100 47.05 -10.71 -10.08
C PRO A 100 47.58 -11.44 -11.31
N ASP A 101 48.69 -12.14 -11.19
CA ASP A 101 49.25 -12.87 -12.33
C ASP A 101 48.49 -14.17 -12.59
N THR A 102 47.70 -14.60 -11.62
CA THR A 102 46.98 -15.85 -11.76
C THR A 102 45.64 -15.62 -12.47
N PRO A 103 45.13 -16.65 -13.17
CA PRO A 103 43.84 -16.51 -13.87
C PRO A 103 42.74 -16.06 -12.91
N LYS A 104 41.92 -15.12 -13.39
CA LYS A 104 40.87 -14.52 -12.59
C LYS A 104 39.68 -15.45 -12.42
N LEU A 105 39.13 -15.45 -11.22
CA LEU A 105 37.89 -16.16 -10.95
C LEU A 105 36.72 -15.20 -11.00
N PHE A 106 37.00 -13.91 -10.79
CA PHE A 106 35.98 -12.87 -10.95
C PHE A 106 36.39 -11.82 -11.98
N PRO A 107 36.17 -12.11 -13.28
CA PRO A 107 36.49 -11.14 -14.32
C PRO A 107 35.76 -9.82 -14.09
N ALA A 108 36.40 -8.71 -14.48
CA ALA A 108 35.80 -7.39 -14.40
C ALA A 108 34.36 -7.37 -14.91
N GLY A 109 33.46 -6.76 -14.15
CA GLY A 109 32.08 -6.64 -14.58
C GLY A 109 31.18 -7.81 -14.17
N THR A 110 31.74 -8.84 -13.52
CA THR A 110 30.96 -10.06 -13.22
C THR A 110 30.61 -10.24 -11.74
N ASP A 111 31.17 -9.39 -10.88
CA ASP A 111 31.03 -9.62 -9.43
C ASP A 111 29.58 -9.73 -8.96
N ALA A 112 28.74 -8.80 -9.37
CA ALA A 112 27.32 -8.83 -8.96
C ALA A 112 26.56 -10.00 -9.59
N PHE A 113 26.79 -10.24 -10.88
CA PHE A 113 26.18 -11.39 -11.56
C PHE A 113 26.54 -12.69 -10.85
N GLN A 114 27.80 -12.80 -10.41
CA GLN A 114 28.26 -14.02 -9.75
C GLN A 114 27.68 -14.14 -8.35
N ALA A 115 27.61 -13.03 -7.64
CA ALA A 115 26.93 -12.98 -6.35
C ALA A 115 25.51 -13.51 -6.48
N ALA A 116 24.79 -13.07 -7.50
CA ALA A 116 23.42 -13.54 -7.70
C ALA A 116 23.41 -15.03 -8.02
N PHE A 117 24.26 -15.44 -8.96
CA PHE A 117 24.34 -16.86 -9.32
C PHE A 117 24.64 -17.74 -8.11
N LEU A 118 25.60 -17.32 -7.31
CA LEU A 118 26.05 -18.10 -6.16
C LEU A 118 24.95 -18.21 -5.13
N ASP A 119 24.13 -17.17 -5.04
CA ASP A 119 23.01 -17.15 -4.12
C ASP A 119 21.94 -18.15 -4.59
N PHE A 120 21.88 -18.42 -5.90
CA PHE A 120 20.91 -19.36 -6.45
C PHE A 120 21.40 -20.80 -6.36
N ALA A 121 22.72 -20.98 -6.30
CA ALA A 121 23.35 -22.29 -6.49
C ALA A 121 22.93 -23.35 -5.47
N TRP A 122 22.87 -22.99 -4.20
CA TRP A 122 22.45 -23.94 -3.18
C TRP A 122 20.97 -24.30 -3.25
N PRO A 123 20.07 -23.30 -3.22
CA PRO A 123 18.64 -23.65 -3.30
C PRO A 123 18.26 -24.40 -4.57
N VAL A 124 18.89 -24.06 -5.70
CA VAL A 124 18.52 -24.71 -6.95
C VAL A 124 19.14 -26.10 -7.11
N LEU A 125 20.40 -26.24 -6.71
CA LEU A 125 21.11 -27.47 -7.01
C LEU A 125 21.80 -28.07 -5.80
N GLY A 126 22.50 -27.23 -5.03
CA GLY A 126 23.31 -27.74 -3.93
C GLY A 126 22.51 -28.48 -2.87
N PHE A 127 21.33 -27.96 -2.58
CA PHE A 127 20.55 -28.51 -1.48
C PHE A 127 19.97 -29.90 -1.83
N PRO A 128 19.36 -30.06 -3.01
CA PRO A 128 18.98 -31.43 -3.34
C PRO A 128 20.16 -32.38 -3.50
N VAL A 129 21.32 -31.91 -3.92
CA VAL A 129 22.48 -32.81 -3.96
C VAL A 129 22.84 -33.22 -2.54
N PHE A 130 22.82 -32.25 -1.62
CA PHE A 130 23.10 -32.48 -0.20
C PHE A 130 22.24 -33.62 0.37
N MET A 131 20.96 -33.56 0.08
CA MET A 131 20.03 -34.58 0.59
C MET A 131 20.38 -35.98 0.12
N LEU A 132 20.95 -36.06 -1.08
CA LEU A 132 21.30 -37.36 -1.67
C LEU A 132 22.68 -37.85 -1.23
N VAL A 133 23.49 -36.96 -0.65
CA VAL A 133 24.82 -37.37 -0.19
C VAL A 133 25.04 -37.20 1.32
N ILE A 134 24.06 -36.66 2.03
CA ILE A 134 24.30 -36.26 3.42
C ILE A 134 24.63 -37.45 4.35
N LEU A 135 23.88 -38.55 4.20
CA LEU A 135 24.16 -39.75 4.98
C LEU A 135 25.58 -40.27 4.75
N ASP A 136 25.92 -40.51 3.48
CA ASP A 136 27.24 -41.03 3.13
C ASP A 136 28.35 -40.07 3.55
N THR A 137 28.08 -38.77 3.46
CA THR A 137 29.03 -37.77 3.94
C THR A 137 29.33 -37.98 5.43
N ALA A 138 28.27 -37.99 6.23
CA ALA A 138 28.37 -38.27 7.66
C ALA A 138 29.17 -39.54 7.96
N ASN A 139 28.90 -40.59 7.20
CA ASN A 139 29.60 -41.86 7.39
C ASN A 139 31.03 -41.85 6.88
N SER A 140 31.46 -40.70 6.35
CA SER A 140 32.83 -40.52 5.89
C SER A 140 33.63 -39.69 6.89
N LEU A 141 32.98 -39.23 7.96
CA LEU A 141 33.64 -38.34 8.92
C LEU A 141 34.30 -39.09 10.08
N LEU A 142 35.37 -38.52 10.63
CA LEU A 142 35.92 -39.00 11.90
C LEU A 142 34.83 -38.93 12.99
N PRO A 143 34.97 -39.74 14.05
CA PRO A 143 33.88 -39.89 15.02
C PRO A 143 33.42 -38.58 15.68
N ARG A 144 34.34 -37.72 16.13
CA ARG A 144 33.93 -36.44 16.74
C ARG A 144 33.19 -35.57 15.72
N SER A 145 33.68 -35.55 14.48
CA SER A 145 33.02 -34.82 13.40
C SER A 145 31.67 -35.44 13.08
N HIS A 146 31.62 -36.77 13.00
CA HIS A 146 30.32 -37.43 12.77
C HIS A 146 29.28 -37.02 13.79
N ASP A 147 29.64 -37.13 15.06
CA ASP A 147 28.74 -36.78 16.15
C ASP A 147 28.17 -35.36 16.04
N TYR A 148 29.04 -34.38 15.82
CA TYR A 148 28.63 -32.99 15.65
C TYR A 148 27.77 -32.78 14.40
N PHE A 149 28.22 -33.36 13.29
CA PHE A 149 27.55 -33.20 12.01
C PHE A 149 26.17 -33.82 12.03
N ARG A 150 26.05 -35.02 12.57
CA ARG A 150 24.73 -35.65 12.66
C ARG A 150 23.80 -34.88 13.59
N SER A 151 24.31 -34.50 14.77
CA SER A 151 23.49 -33.69 15.70
C SER A 151 22.91 -32.42 15.05
N THR A 152 23.79 -31.59 14.50
CA THR A 152 23.40 -30.30 13.98
C THR A 152 22.52 -30.40 12.73
N ARG A 153 22.88 -31.29 11.81
CA ARG A 153 22.13 -31.41 10.58
C ARG A 153 20.76 -32.06 10.77
N GLU A 154 20.68 -33.05 11.65
CA GLU A 154 19.39 -33.65 11.95
C GLU A 154 18.47 -32.63 12.65
N GLN A 155 19.05 -31.81 13.50
CA GLN A 155 18.29 -30.74 14.14
C GLN A 155 17.79 -29.74 13.07
N LYS A 156 18.62 -29.49 12.06
CA LYS A 156 18.29 -28.55 10.99
C LYS A 156 17.17 -29.05 10.08
N PHE A 157 17.24 -30.31 9.68
CA PHE A 157 16.29 -30.84 8.71
C PHE A 157 15.12 -31.60 9.33
N GLY A 158 15.22 -31.90 10.62
CA GLY A 158 14.12 -32.52 11.35
C GLY A 158 13.84 -33.98 11.02
N LYS A 159 14.80 -34.65 10.40
CA LYS A 159 14.71 -36.09 10.11
C LYS A 159 16.07 -36.72 10.40
N LYS A 160 16.12 -38.05 10.48
CA LYS A 160 17.40 -38.75 10.59
C LYS A 160 18.09 -38.64 9.24
N LEU A 161 19.42 -38.61 9.23
CA LEU A 161 20.16 -38.46 7.97
C LEU A 161 19.77 -39.56 7.00
N GLU A 162 19.48 -40.73 7.57
CA GLU A 162 19.07 -41.91 6.80
C GLU A 162 17.77 -41.69 6.02
N GLU A 163 16.97 -40.70 6.43
CA GLU A 163 15.66 -40.43 5.81
C GLU A 163 15.67 -39.32 4.75
N LEU A 164 16.81 -38.66 4.58
CA LEU A 164 16.88 -37.50 3.68
C LEU A 164 16.97 -37.79 2.16
N ALA A 165 17.67 -38.84 1.77
CA ALA A 165 17.72 -39.22 0.36
C ALA A 165 16.41 -39.84 -0.10
N THR A 166 15.76 -39.23 -1.09
CA THR A 166 14.55 -39.79 -1.71
C THR A 166 14.59 -39.62 -3.24
N GLU A 167 13.64 -40.22 -3.95
CA GLU A 167 13.58 -40.00 -5.41
C GLU A 167 13.08 -38.60 -5.74
N GLU A 168 12.29 -38.02 -4.84
CA GLU A 168 11.87 -36.63 -5.03
C GLU A 168 13.11 -35.73 -5.13
N GLU A 169 14.13 -36.05 -4.35
CA GLU A 169 15.37 -35.26 -4.36
C GLU A 169 16.11 -35.44 -5.68
N TRP A 170 16.13 -36.67 -6.18
CA TRP A 170 16.70 -36.94 -7.49
C TRP A 170 16.01 -36.11 -8.57
N ALA A 171 14.69 -36.02 -8.50
CA ALA A 171 13.93 -35.21 -9.45
C ALA A 171 14.29 -33.72 -9.32
N LYS A 172 14.50 -33.25 -8.09
CA LYS A 172 14.84 -31.85 -7.85
C LYS A 172 16.23 -31.54 -8.37
N VAL A 173 17.11 -32.53 -8.27
CA VAL A 173 18.46 -32.40 -8.80
C VAL A 173 18.37 -32.25 -10.31
N GLU A 174 17.58 -33.11 -10.95
CA GLU A 174 17.47 -33.03 -12.41
C GLU A 174 16.83 -31.71 -12.85
N ALA A 175 15.83 -31.24 -12.09
CA ALA A 175 15.18 -29.97 -12.39
C ALA A 175 16.15 -28.80 -12.23
N GLY A 176 16.99 -28.87 -11.20
CA GLY A 176 17.97 -27.83 -10.96
C GLY A 176 19.00 -27.80 -12.07
N LEU A 177 19.43 -28.96 -12.53
CA LEU A 177 20.37 -29.01 -13.64
C LEU A 177 19.73 -28.55 -14.94
N ALA A 178 18.43 -28.80 -15.09
CA ALA A 178 17.72 -28.35 -16.30
C ALA A 178 17.73 -26.83 -16.38
N LYS A 179 17.64 -26.17 -15.23
CA LYS A 179 17.66 -24.71 -15.18
C LYS A 179 19.03 -24.20 -15.58
N LEU A 180 20.06 -24.77 -14.96
CA LEU A 180 21.43 -24.44 -15.28
C LEU A 180 21.76 -24.70 -16.75
N LYS A 181 21.27 -25.83 -17.28
CA LYS A 181 21.48 -26.13 -18.70
C LYS A 181 20.85 -25.01 -19.55
N GLY A 182 19.70 -24.52 -19.12
CA GLY A 182 19.00 -23.43 -19.81
C GLY A 182 19.81 -22.14 -19.83
N TYR A 183 20.43 -21.81 -18.71
CA TYR A 183 21.26 -20.62 -18.63
C TYR A 183 22.43 -20.75 -19.59
N LEU A 184 23.12 -21.88 -19.54
CA LEU A 184 24.26 -22.18 -20.41
C LEU A 184 23.89 -22.19 -21.89
N ASP A 185 22.69 -22.66 -22.22
CA ASP A 185 22.24 -22.62 -23.62
C ASP A 185 22.16 -21.20 -24.18
N ALA A 186 21.97 -20.20 -23.31
CA ALA A 186 21.96 -18.80 -23.75
C ALA A 186 23.29 -18.37 -24.37
N ASN A 187 24.36 -19.07 -24.02
CA ASN A 187 25.68 -18.78 -24.56
C ASN A 187 25.83 -19.23 -26.01
N GLY A 188 25.00 -20.18 -26.43
CA GLY A 188 25.12 -20.75 -27.75
C GLY A 188 25.98 -22.01 -27.77
N LYS A 189 25.71 -22.86 -28.76
CA LYS A 189 26.48 -24.07 -28.99
C LYS A 189 27.97 -23.75 -29.07
N GLY A 190 28.78 -24.56 -28.38
CA GLY A 190 30.20 -24.32 -28.32
C GLY A 190 30.61 -23.43 -27.15
N ASN A 191 29.65 -22.74 -26.57
CA ASN A 191 29.95 -21.86 -25.43
C ASN A 191 29.11 -22.24 -24.21
N ASP A 192 28.48 -23.41 -24.28
CA ASP A 192 27.48 -23.80 -23.29
C ASP A 192 28.00 -24.76 -22.23
N LEU A 193 29.32 -24.79 -22.03
CA LEU A 193 29.89 -25.60 -20.95
C LEU A 193 30.65 -24.79 -19.89
N LEU A 194 30.78 -23.47 -20.11
CA LEU A 194 31.26 -22.58 -19.06
C LEU A 194 30.35 -21.37 -19.04
N LEU A 195 30.08 -20.82 -17.86
CA LEU A 195 29.16 -19.69 -17.77
C LEU A 195 29.53 -18.54 -18.71
N MET A 196 30.82 -18.27 -18.87
CA MET A 196 31.24 -17.20 -19.79
C MET A 196 31.70 -17.70 -21.15
N GLY A 197 31.35 -18.94 -21.47
CA GLY A 197 31.64 -19.49 -22.80
C GLY A 197 33.05 -20.02 -22.93
N ALA A 198 33.34 -20.66 -24.06
CA ALA A 198 34.61 -21.36 -24.22
C ALA A 198 35.83 -20.45 -24.02
N GLN A 199 35.72 -19.21 -24.48
CA GLN A 199 36.85 -18.30 -24.42
C GLN A 199 36.83 -17.35 -23.23
N GLY A 200 35.85 -17.51 -22.35
CA GLY A 200 35.73 -16.66 -21.18
C GLY A 200 36.50 -17.21 -19.99
N GLY A 201 36.78 -18.51 -20.01
CA GLY A 201 37.52 -19.15 -18.94
C GLY A 201 36.65 -19.55 -17.76
N ILE A 202 37.24 -20.26 -16.81
CA ILE A 202 36.54 -20.72 -15.62
C ILE A 202 36.32 -19.57 -14.63
N THR A 203 35.09 -19.41 -14.15
CA THR A 203 34.84 -18.44 -13.08
C THR A 203 34.64 -19.13 -11.74
N TYR A 204 34.58 -18.34 -10.68
CA TYR A 204 34.28 -18.87 -9.37
C TYR A 204 32.91 -19.55 -9.38
N SER A 205 31.98 -19.00 -10.15
CA SER A 205 30.64 -19.56 -10.27
C SER A 205 30.63 -20.93 -10.91
N ASP A 206 31.48 -21.14 -11.94
CA ASP A 206 31.64 -22.49 -12.50
C ASP A 206 32.19 -23.46 -11.45
N ILE A 207 33.16 -22.98 -10.68
CA ILE A 207 33.76 -23.81 -9.63
C ILE A 207 32.74 -24.21 -8.56
N GLN A 208 31.79 -23.31 -8.28
CA GLN A 208 30.72 -23.63 -7.34
C GLN A 208 29.92 -24.86 -7.80
N ILE A 209 29.61 -24.91 -9.09
CA ILE A 209 28.84 -26.04 -9.63
C ILE A 209 29.71 -27.30 -9.66
N ALA A 210 30.94 -27.18 -10.12
CA ALA A 210 31.90 -28.28 -10.06
C ALA A 210 32.08 -28.85 -8.66
N SER A 211 31.98 -28.00 -7.62
CA SER A 211 32.18 -28.44 -6.25
CA SER A 211 32.21 -28.46 -6.26
C SER A 211 31.07 -29.37 -5.77
N PHE A 212 29.88 -29.18 -6.30
CA PHE A 212 28.78 -30.08 -5.98
C PHE A 212 29.08 -31.43 -6.62
N PHE A 213 29.61 -31.41 -7.83
CA PHE A 213 29.92 -32.68 -8.53
C PHE A 213 31.07 -33.46 -7.89
N VAL A 214 32.17 -32.80 -7.58
CA VAL A 214 33.29 -33.54 -6.97
C VAL A 214 32.93 -34.11 -5.60
N TRP A 215 32.09 -33.38 -4.86
CA TRP A 215 31.56 -33.81 -3.59
C TRP A 215 30.84 -35.16 -3.74
N ALA A 216 29.84 -35.18 -4.63
CA ALA A 216 29.07 -36.40 -4.86
C ALA A 216 29.97 -37.54 -5.36
N LYS A 217 30.89 -37.23 -6.27
CA LYS A 217 31.79 -38.24 -6.82
C LYS A 217 32.67 -38.88 -5.74
N ILE A 218 33.29 -38.05 -4.92
CA ILE A 218 34.11 -38.55 -3.83
C ILE A 218 33.26 -39.32 -2.83
N ILE A 219 32.13 -38.74 -2.42
CA ILE A 219 31.31 -39.39 -1.39
C ILE A 219 30.68 -40.70 -1.87
N TRP A 220 30.08 -40.69 -3.06
CA TRP A 220 29.47 -41.89 -3.61
C TRP A 220 30.49 -42.90 -4.11
N GLY A 221 31.59 -42.40 -4.68
CA GLY A 221 32.56 -43.23 -5.37
C GLY A 221 32.36 -43.12 -6.88
N GLU A 222 33.45 -42.94 -7.62
CA GLU A 222 33.35 -42.72 -9.06
C GLU A 222 32.78 -43.95 -9.80
N GLY A 223 32.94 -45.13 -9.22
CA GLY A 223 32.42 -46.34 -9.83
C GLY A 223 31.00 -46.67 -9.41
N SER A 224 30.38 -45.81 -8.59
CA SER A 224 29.03 -46.08 -8.12
C SER A 224 27.98 -45.85 -9.18
N GLU A 225 26.84 -46.51 -9.05
CA GLU A 225 25.73 -46.29 -9.96
C GLU A 225 25.07 -44.93 -9.71
N LYS A 226 25.13 -44.45 -8.48
CA LYS A 226 24.57 -43.13 -8.20
C LYS A 226 25.35 -42.04 -8.93
N TRP A 227 26.67 -42.12 -8.90
CA TRP A 227 27.48 -41.17 -9.65
C TRP A 227 27.21 -41.27 -11.15
N LYS A 228 27.12 -42.50 -11.65
CA LYS A 228 26.85 -42.71 -13.07
C LYS A 228 25.50 -42.12 -13.44
N ARG A 229 24.51 -42.27 -12.55
CA ARG A 229 23.19 -41.70 -12.78
C ARG A 229 23.22 -40.16 -12.83
N LEU A 230 23.96 -39.56 -11.90
CA LEU A 230 24.04 -38.10 -11.85
C LEU A 230 24.66 -37.51 -13.12
N ILE A 231 25.82 -37.99 -13.53
CA ILE A 231 26.50 -37.38 -14.69
C ILE A 231 25.92 -37.79 -16.03
N SER A 232 24.99 -38.75 -16.02
CA SER A 232 24.33 -39.16 -17.25
C SER A 232 23.09 -38.31 -17.55
N LEU A 233 22.69 -37.46 -16.59
CA LEU A 233 21.53 -36.62 -16.80
C LEU A 233 21.73 -35.72 -18.02
N HIS A 234 20.63 -35.40 -18.70
CA HIS A 234 20.65 -34.56 -19.89
C HIS A 234 21.68 -35.04 -20.91
N ASP A 235 21.62 -36.33 -21.22
CA ASP A 235 22.41 -36.93 -22.30
C ASP A 235 23.89 -36.77 -22.08
N GLY A 236 24.28 -36.80 -20.81
CA GLY A 236 25.67 -36.75 -20.42
C GLY A 236 26.29 -35.36 -20.45
N LYS A 237 25.49 -34.31 -20.55
CA LYS A 237 26.04 -32.94 -20.55
C LYS A 237 26.96 -32.68 -19.36
N TRP A 238 26.57 -33.19 -18.20
CA TRP A 238 27.28 -32.90 -16.96
C TRP A 238 28.59 -33.67 -16.82
N ALA A 239 28.68 -34.82 -17.48
CA ALA A 239 29.94 -35.52 -17.61
C ALA A 239 30.96 -34.64 -18.33
N GLN A 240 30.51 -33.96 -19.38
CA GLN A 240 31.36 -33.05 -20.13
C GLN A 240 31.69 -31.81 -19.32
N PHE A 241 30.67 -31.23 -18.66
CA PHE A 241 30.93 -30.06 -17.81
C PHE A 241 31.98 -30.39 -16.75
N TYR A 242 31.72 -31.45 -16.00
CA TYR A 242 32.57 -31.81 -14.87
C TYR A 242 34.00 -32.20 -15.30
N ALA A 243 34.13 -32.83 -16.46
CA ALA A 243 35.44 -33.30 -16.92
C ALA A 243 36.45 -32.15 -17.11
N GLN A 244 35.94 -30.94 -17.33
CA GLN A 244 36.77 -29.73 -17.42
C GLN A 244 37.62 -29.47 -16.17
N PHE A 245 37.16 -30.00 -15.03
CA PHE A 245 37.70 -29.60 -13.72
C PHE A 245 38.63 -30.62 -13.06
N THR A 246 38.68 -31.84 -13.59
CA THR A 246 39.45 -32.89 -12.93
C THR A 246 40.94 -32.57 -12.94
N LYS A 247 41.38 -31.81 -13.94
CA LYS A 247 42.77 -31.37 -14.01
C LYS A 247 43.16 -30.42 -12.89
N PHE A 248 42.18 -30.02 -12.08
CA PHE A 248 42.42 -29.09 -10.98
C PHE A 248 42.05 -29.72 -9.65
N GLU A 249 42.12 -31.03 -9.58
CA GLU A 249 41.76 -31.74 -8.36
C GLU A 249 42.97 -32.31 -7.63
N GLN A 250 44.08 -31.59 -7.68
CA GLN A 250 45.27 -31.94 -6.90
C GLN A 250 44.96 -31.95 -5.42
N VAL A 251 45.46 -32.97 -4.73
CA VAL A 251 45.31 -33.06 -3.29
C VAL A 251 46.69 -33.27 -2.66
N ASP A 252 47.17 -32.25 -1.95
CA ASP A 252 48.49 -32.26 -1.32
C ASP A 252 48.63 -33.38 -0.28
N ALA B 2 15.80 4.27 -42.23
CA ALA B 2 15.17 3.00 -41.89
C ALA B 2 13.74 3.21 -41.37
N GLN B 3 12.86 2.26 -41.63
CA GLN B 3 11.49 2.35 -41.15
C GLN B 3 11.40 2.07 -39.65
N PRO B 4 10.43 2.71 -38.96
CA PRO B 4 10.29 2.42 -37.53
C PRO B 4 9.85 0.97 -37.28
N ILE B 5 10.53 0.33 -36.35
CA ILE B 5 10.11 -0.95 -35.80
C ILE B 5 8.68 -0.77 -35.24
N VAL B 6 7.83 -1.76 -35.45
CA VAL B 6 6.48 -1.70 -34.89
C VAL B 6 6.47 -2.42 -33.55
N PHE B 7 6.08 -1.72 -32.50
CA PHE B 7 6.17 -2.23 -31.14
C PHE B 7 4.77 -2.44 -30.55
N TYR B 8 4.47 -3.67 -30.15
CA TYR B 8 3.13 -4.00 -29.65
C TYR B 8 3.06 -3.98 -28.12
N ASP B 9 2.19 -3.13 -27.60
CA ASP B 9 2.11 -2.82 -26.18
C ASP B 9 0.65 -2.83 -25.77
N ILE B 10 0.40 -2.83 -24.46
CA ILE B 10 -0.96 -2.85 -23.93
C ILE B 10 -1.38 -1.45 -23.44
N PRO B 11 -2.54 -0.95 -23.92
CA PRO B 11 -2.99 0.41 -23.59
C PRO B 11 -3.57 0.53 -22.19
N SER B 12 -3.90 1.76 -21.80
CA SER B 12 -4.47 1.98 -20.48
C SER B 12 -5.49 3.10 -20.51
N ASN B 13 -6.20 3.28 -19.41
CA ASN B 13 -7.23 4.31 -19.33
C ASN B 13 -6.72 5.66 -18.78
N GLU B 14 -7.65 6.56 -18.48
CA GLU B 14 -7.33 7.91 -18.04
C GLU B 14 -6.71 7.94 -16.65
N ARG B 15 -6.88 6.86 -15.89
CA ARG B 15 -6.35 6.81 -14.53
C ARG B 15 -4.84 7.06 -14.53
N ILE B 16 -4.16 6.53 -15.55
CA ILE B 16 -2.74 6.78 -15.68
C ILE B 16 -2.44 7.54 -16.97
N LYS B 17 -3.46 8.27 -17.44
CA LYS B 17 -3.36 9.12 -18.63
C LYS B 17 -2.92 8.35 -19.86
N HIS B 18 -3.39 7.11 -19.97
CA HIS B 18 -3.15 6.27 -21.14
C HIS B 18 -1.67 5.92 -21.35
N SER B 19 -0.88 6.07 -20.29
CA SER B 19 0.53 5.69 -20.32
C SER B 19 0.72 4.17 -20.47
N PRO B 20 1.75 3.75 -21.22
CA PRO B 20 2.11 2.33 -21.18
C PRO B 20 2.60 2.01 -19.77
N TRP B 21 2.46 0.75 -19.33
CA TRP B 21 2.55 0.43 -17.91
C TRP B 21 3.18 -0.93 -17.65
N SER B 22 3.11 -1.84 -18.62
CA SER B 22 3.53 -3.22 -18.39
C SER B 22 5.02 -3.34 -18.09
N PRO B 23 5.38 -4.12 -17.04
CA PRO B 23 6.80 -4.37 -16.75
C PRO B 23 7.45 -5.17 -17.86
N ASN B 24 6.67 -5.99 -18.54
CA ASN B 24 7.23 -6.81 -19.61
C ASN B 24 7.47 -6.03 -20.89
N THR B 25 6.49 -5.26 -21.32
CA THR B 25 6.69 -4.41 -22.50
C THR B 25 7.71 -3.28 -22.22
N TRP B 26 7.69 -2.72 -21.01
CA TRP B 26 8.69 -1.71 -20.65
C TRP B 26 10.14 -2.16 -20.79
N LYS B 27 10.42 -3.45 -20.64
CA LYS B 27 11.79 -3.91 -20.84
C LYS B 27 12.20 -3.59 -22.28
N ILE B 28 11.25 -3.75 -23.19
CA ILE B 28 11.55 -3.54 -24.61
C ILE B 28 11.44 -2.07 -25.01
N ARG B 29 10.50 -1.33 -24.41
CA ARG B 29 10.47 0.12 -24.59
C ARG B 29 11.80 0.73 -24.13
N TYR B 30 12.25 0.37 -22.93
CA TYR B 30 13.59 0.70 -22.46
C TYR B 30 14.70 0.33 -23.45
N ALA B 31 14.69 -0.91 -23.92
CA ALA B 31 15.74 -1.37 -24.85
C ALA B 31 15.79 -0.50 -26.10
N LEU B 32 14.61 -0.19 -26.63
CA LEU B 32 14.48 0.63 -27.83
C LEU B 32 14.94 2.07 -27.57
N ASN B 33 14.46 2.66 -26.48
CA ASN B 33 14.83 4.02 -26.13
C ASN B 33 16.33 4.13 -25.85
N TYR B 34 16.84 3.19 -25.05
CA TYR B 34 18.27 3.17 -24.72
C TYR B 34 19.14 3.01 -25.97
N LYS B 35 18.74 2.11 -26.87
CA LYS B 35 19.47 1.90 -28.12
C LYS B 35 19.29 3.01 -29.17
N GLY B 36 18.35 3.91 -28.93
CA GLY B 36 18.10 5.00 -29.86
C GLY B 36 17.49 4.54 -31.17
N LEU B 37 16.65 3.50 -31.10
CA LEU B 37 16.03 2.96 -32.30
C LEU B 37 14.66 3.56 -32.52
N LYS B 38 14.33 3.85 -33.78
CA LYS B 38 13.04 4.42 -34.10
C LYS B 38 11.95 3.34 -34.09
N TYR B 39 10.83 3.66 -33.45
CA TYR B 39 9.74 2.70 -33.40
C TYR B 39 8.41 3.41 -33.27
N LYS B 40 7.36 2.69 -33.64
CA LYS B 40 5.99 3.17 -33.50
C LYS B 40 5.25 2.14 -32.64
N THR B 41 4.40 2.61 -31.73
CA THR B 41 3.66 1.70 -30.85
C THR B 41 2.26 1.37 -31.38
N GLU B 42 1.95 0.07 -31.50
CA GLU B 42 0.58 -0.39 -31.78
C GLU B 42 -0.07 -0.94 -30.50
N TRP B 43 -1.25 -0.45 -30.17
CA TRP B 43 -1.88 -0.76 -28.88
C TRP B 43 -2.85 -1.94 -28.95
N VAL B 44 -2.60 -2.98 -28.15
CA VAL B 44 -3.42 -4.18 -28.19
C VAL B 44 -4.00 -4.54 -26.82
N GLU B 45 -5.32 -4.65 -26.74
CA GLU B 45 -5.98 -5.03 -25.50
C GLU B 45 -5.65 -6.49 -25.14
N TYR B 46 -5.62 -6.78 -23.85
CA TYR B 46 -5.32 -8.13 -23.34
C TYR B 46 -6.01 -9.30 -24.10
N PRO B 47 -7.36 -9.26 -24.24
CA PRO B 47 -8.00 -10.40 -24.91
C PRO B 47 -7.69 -10.51 -26.41
N ASP B 48 -7.23 -9.42 -27.02
CA ASP B 48 -6.91 -9.40 -28.46
C ASP B 48 -5.47 -9.80 -28.79
N ILE B 49 -4.64 -9.97 -27.76
CA ILE B 49 -3.23 -10.29 -27.95
C ILE B 49 -3.02 -11.53 -28.82
N ALA B 50 -3.67 -12.64 -28.44
CA ALA B 50 -3.50 -13.90 -29.14
C ALA B 50 -3.83 -13.76 -30.63
N GLY B 51 -4.97 -13.16 -30.92
CA GLY B 51 -5.40 -12.95 -32.29
C GLY B 51 -4.39 -12.12 -33.07
N VAL B 52 -4.03 -10.97 -32.51
CA VAL B 52 -3.08 -10.08 -33.17
C VAL B 52 -1.74 -10.75 -33.46
N VAL B 53 -1.14 -11.37 -32.45
CA VAL B 53 0.14 -12.08 -32.64
C VAL B 53 0.04 -13.18 -33.70
N GLN B 54 -1.07 -13.90 -33.73
CA GLN B 54 -1.26 -14.94 -34.74
C GLN B 54 -1.38 -14.35 -36.15
N LYS B 55 -2.12 -13.26 -36.29
CA LYS B 55 -2.27 -12.59 -37.57
C LYS B 55 -0.92 -12.03 -38.09
N LEU B 56 -0.01 -11.74 -37.17
CA LEU B 56 1.33 -11.24 -37.51
C LEU B 56 2.25 -12.37 -37.94
N GLY B 57 1.89 -13.60 -37.62
CA GLY B 57 2.75 -14.74 -37.87
C GLY B 57 3.69 -15.04 -36.71
N GLY B 58 3.47 -14.39 -35.57
CA GLY B 58 4.28 -14.61 -34.38
C GLY B 58 3.91 -15.86 -33.62
N LYS B 59 4.76 -16.21 -32.65
CA LYS B 59 4.58 -17.45 -31.89
C LYS B 59 4.24 -17.19 -30.42
N PRO B 60 3.58 -18.16 -29.77
CA PRO B 60 3.34 -18.06 -28.33
C PRO B 60 4.65 -18.25 -27.57
N THR B 61 4.74 -17.70 -26.35
CA THR B 61 6.00 -17.72 -25.61
C THR B 61 6.01 -18.76 -24.48
N GLU B 62 4.86 -19.35 -24.20
CA GLU B 62 4.76 -20.38 -23.18
C GLU B 62 3.44 -21.14 -23.32
N LYS B 63 3.20 -22.07 -22.40
CA LYS B 63 1.91 -22.74 -22.37
C LYS B 63 1.22 -22.67 -21.02
N THR B 64 -0.06 -22.29 -21.05
CA THR B 64 -0.91 -22.25 -19.87
C THR B 64 -0.93 -23.63 -19.20
N PRO B 65 -1.23 -23.68 -17.90
CA PRO B 65 -1.18 -24.94 -17.13
C PRO B 65 -1.93 -26.10 -17.79
N ASP B 66 -3.04 -25.81 -18.47
CA ASP B 66 -3.81 -26.85 -19.15
C ASP B 66 -3.08 -27.40 -20.37
N GLY B 67 -2.09 -26.66 -20.87
CA GLY B 67 -1.30 -27.10 -22.00
C GLY B 67 -1.58 -26.35 -23.29
N ARG B 68 -2.36 -25.27 -23.18
CA ARG B 68 -2.68 -24.45 -24.34
C ARG B 68 -1.59 -23.41 -24.61
N ASP B 69 -1.39 -23.10 -25.88
CA ASP B 69 -0.48 -22.04 -26.29
C ASP B 69 -0.86 -20.72 -25.64
N HIS B 70 0.12 -20.01 -25.08
CA HIS B 70 -0.12 -18.72 -24.46
C HIS B 70 0.67 -17.62 -25.16
N TYR B 71 -0.04 -16.66 -25.75
CA TYR B 71 0.57 -15.55 -26.46
C TYR B 71 0.77 -14.33 -25.54
N THR B 72 1.92 -13.70 -25.65
CA THR B 72 2.23 -12.58 -24.80
C THR B 72 2.82 -11.41 -25.58
N LEU B 73 2.72 -10.23 -24.98
CA LEU B 73 3.48 -9.08 -25.46
C LEU B 73 4.58 -8.82 -24.42
N PRO B 74 5.68 -8.16 -24.83
CA PRO B 74 5.89 -7.46 -26.11
C PRO B 74 6.18 -8.38 -27.28
N VAL B 75 5.82 -7.90 -28.47
CA VAL B 75 6.21 -8.47 -29.75
C VAL B 75 6.62 -7.27 -30.61
N ILE B 76 7.60 -7.46 -31.50
CA ILE B 76 7.93 -6.43 -32.49
C ILE B 76 7.85 -6.95 -33.90
N TYR B 77 7.50 -6.08 -34.83
CA TYR B 77 7.71 -6.37 -36.25
C TYR B 77 8.77 -5.41 -36.76
N ASP B 78 9.86 -5.94 -37.29
CA ASP B 78 10.93 -5.09 -37.83
C ASP B 78 10.81 -5.02 -39.35
N PRO B 79 10.32 -3.88 -39.86
CA PRO B 79 10.14 -3.74 -41.31
C PRO B 79 11.47 -3.74 -42.06
N ASN B 80 12.57 -3.52 -41.34
CA ASN B 80 13.90 -3.49 -41.96
C ASN B 80 14.45 -4.89 -42.25
N THR B 81 13.99 -5.88 -41.48
CA THR B 81 14.40 -7.27 -41.69
C THR B 81 13.18 -8.12 -42.10
N LYS B 82 12.00 -7.51 -42.06
CA LYS B 82 10.75 -8.23 -42.27
C LYS B 82 10.65 -9.44 -41.34
N LYS B 83 10.85 -9.20 -40.05
CA LYS B 83 10.77 -10.27 -39.06
C LYS B 83 9.87 -9.88 -37.89
N VAL B 84 9.15 -10.87 -37.38
CA VAL B 84 8.37 -10.72 -36.16
C VAL B 84 9.16 -11.39 -35.05
N VAL B 85 9.31 -10.70 -33.92
CA VAL B 85 10.07 -11.28 -32.81
C VAL B 85 9.27 -11.18 -31.51
N GLU B 86 9.21 -12.28 -30.77
CA GLU B 86 8.47 -12.31 -29.50
C GLU B 86 9.38 -12.75 -28.34
N ASP B 87 8.86 -12.61 -27.12
CA ASP B 87 9.57 -12.88 -25.88
C ASP B 87 10.63 -11.82 -25.60
N SER B 88 10.42 -11.04 -24.55
CA SER B 88 11.25 -9.84 -24.29
C SER B 88 12.75 -10.08 -24.36
N ALA B 89 13.22 -11.16 -23.72
CA ALA B 89 14.66 -11.42 -23.70
C ALA B 89 15.17 -11.69 -25.13
N ALA B 90 14.39 -12.42 -25.91
CA ALA B 90 14.76 -12.76 -27.27
C ALA B 90 14.74 -11.52 -28.17
N ILE B 91 13.82 -10.61 -27.87
CA ILE B 91 13.70 -9.36 -28.61
C ILE B 91 14.93 -8.49 -28.34
N ALA B 92 15.30 -8.36 -27.07
CA ALA B 92 16.49 -7.57 -26.70
C ALA B 92 17.74 -8.12 -27.37
N LYS B 93 17.90 -9.44 -27.34
CA LYS B 93 19.04 -10.08 -27.98
C LYS B 93 19.07 -9.82 -29.49
N TYR B 94 17.90 -9.92 -30.12
CA TYR B 94 17.73 -9.63 -31.54
C TYR B 94 18.18 -8.22 -31.86
N LEU B 95 17.79 -7.29 -30.99
CA LEU B 95 18.17 -5.89 -31.17
C LEU B 95 19.70 -5.72 -31.14
N ASP B 96 20.37 -6.34 -30.16
CA ASP B 96 21.83 -6.36 -30.13
C ASP B 96 22.41 -6.86 -31.44
N GLU B 97 21.92 -8.00 -31.89
CA GLU B 97 22.48 -8.67 -33.06
C GLU B 97 22.16 -7.94 -34.38
N THR B 98 20.96 -7.37 -34.47
CA THR B 98 20.52 -6.74 -35.70
C THR B 98 21.05 -5.31 -35.82
N TYR B 99 21.29 -4.67 -34.68
CA TYR B 99 21.74 -3.28 -34.63
C TYR B 99 23.01 -3.12 -33.81
N PRO B 100 24.14 -3.57 -34.36
CA PRO B 100 25.42 -3.70 -33.63
C PRO B 100 26.11 -2.36 -33.32
N ASP B 101 25.62 -1.25 -33.86
CA ASP B 101 26.18 0.05 -33.50
C ASP B 101 25.50 0.61 -32.26
N THR B 102 24.50 -0.10 -31.76
CA THR B 102 23.76 0.35 -30.60
C THR B 102 24.41 -0.29 -29.38
N PRO B 103 24.24 0.32 -28.20
CA PRO B 103 24.86 -0.22 -26.98
C PRO B 103 24.29 -1.59 -26.64
N LYS B 104 25.16 -2.53 -26.32
CA LYS B 104 24.77 -3.92 -26.15
C LYS B 104 24.16 -4.18 -24.80
N LEU B 105 23.03 -4.87 -24.81
CA LEU B 105 22.34 -5.21 -23.58
C LEU B 105 22.82 -6.55 -23.06
N PHE B 106 23.49 -7.30 -23.94
CA PHE B 106 24.10 -8.58 -23.57
C PHE B 106 25.58 -8.59 -23.97
N PRO B 107 26.42 -7.91 -23.19
CA PRO B 107 27.85 -7.92 -23.52
C PRO B 107 28.38 -9.36 -23.59
N ALA B 108 29.36 -9.60 -24.45
CA ALA B 108 29.92 -10.93 -24.61
C ALA B 108 30.36 -11.49 -23.26
N GLY B 109 30.09 -12.77 -23.03
CA GLY B 109 30.45 -13.39 -21.77
C GLY B 109 29.38 -13.31 -20.70
N THR B 110 28.26 -12.62 -20.97
CA THR B 110 27.26 -12.40 -19.92
C THR B 110 25.94 -13.12 -20.12
N ASP B 111 25.79 -13.84 -21.22
CA ASP B 111 24.47 -14.36 -21.57
C ASP B 111 23.91 -15.33 -20.52
N ALA B 112 24.70 -16.31 -20.12
CA ALA B 112 24.28 -17.27 -19.11
C ALA B 112 24.07 -16.60 -17.75
N PHE B 113 24.98 -15.71 -17.35
CA PHE B 113 24.81 -14.99 -16.09
C PHE B 113 23.51 -14.19 -16.07
N GLN B 114 23.19 -13.55 -17.18
CA GLN B 114 21.95 -12.78 -17.29
C GLN B 114 20.72 -13.70 -17.29
N ALA B 115 20.81 -14.81 -18.01
CA ALA B 115 19.73 -15.79 -18.02
C ALA B 115 19.37 -16.22 -16.59
N ALA B 116 20.39 -16.47 -15.77
CA ALA B 116 20.19 -16.88 -14.40
C ALA B 116 19.59 -15.74 -13.59
N PHE B 117 20.16 -14.55 -13.74
CA PHE B 117 19.66 -13.39 -13.02
C PHE B 117 18.19 -13.14 -13.36
N LEU B 118 17.88 -13.16 -14.65
CA LEU B 118 16.49 -12.95 -15.12
C LEU B 118 15.52 -13.98 -14.53
N ASP B 119 15.99 -15.21 -14.38
CA ASP B 119 15.13 -16.29 -13.92
C ASP B 119 14.70 -16.07 -12.48
N PHE B 120 15.53 -15.37 -11.70
CA PHE B 120 15.18 -15.10 -10.30
C PHE B 120 14.61 -13.71 -10.03
N ALA B 121 14.63 -12.84 -11.03
CA ALA B 121 14.12 -11.48 -10.85
C ALA B 121 12.63 -11.44 -10.50
N TRP B 122 11.83 -12.30 -11.11
CA TRP B 122 10.40 -12.30 -10.82
CA TRP B 122 10.40 -12.32 -10.83
C TRP B 122 10.07 -12.90 -9.45
N PRO B 123 10.64 -14.08 -9.12
CA PRO B 123 10.32 -14.63 -7.79
C PRO B 123 10.76 -13.77 -6.60
N VAL B 124 11.95 -13.19 -6.71
CA VAL B 124 12.54 -12.44 -5.61
C VAL B 124 12.02 -11.02 -5.49
N LEU B 125 11.69 -10.40 -6.63
CA LEU B 125 11.27 -9.00 -6.61
C LEU B 125 9.96 -8.73 -7.35
N GLY B 126 9.85 -9.21 -8.58
CA GLY B 126 8.74 -8.84 -9.45
C GLY B 126 7.41 -9.33 -8.94
N PHE B 127 7.41 -10.53 -8.38
CA PHE B 127 6.15 -11.08 -7.89
C PHE B 127 5.57 -10.35 -6.65
N PRO B 128 6.40 -10.09 -5.62
CA PRO B 128 5.92 -9.25 -4.51
C PRO B 128 5.47 -7.86 -4.96
N VAL B 129 6.19 -7.26 -5.90
CA VAL B 129 5.76 -5.98 -6.47
C VAL B 129 4.42 -6.16 -7.18
N PHE B 130 4.32 -7.21 -7.99
CA PHE B 130 3.05 -7.52 -8.66
C PHE B 130 1.88 -7.47 -7.69
N MET B 131 2.01 -8.15 -6.56
CA MET B 131 0.93 -8.17 -5.57
C MET B 131 0.54 -6.77 -5.06
N LEU B 132 1.51 -5.88 -4.99
CA LEU B 132 1.27 -4.53 -4.49
C LEU B 132 0.66 -3.58 -5.52
N VAL B 133 0.72 -3.96 -6.80
CA VAL B 133 0.26 -3.10 -7.87
C VAL B 133 -0.87 -3.73 -8.70
N ILE B 134 -1.23 -4.96 -8.40
CA ILE B 134 -2.13 -5.71 -9.28
C ILE B 134 -3.56 -5.13 -9.32
N LEU B 135 -4.06 -4.63 -8.19
CA LEU B 135 -5.41 -4.05 -8.17
C LEU B 135 -5.43 -2.74 -8.95
N ASP B 136 -4.46 -1.88 -8.66
CA ASP B 136 -4.40 -0.60 -9.36
C ASP B 136 -4.09 -0.78 -10.84
N THR B 137 -3.36 -1.84 -11.18
CA THR B 137 -3.13 -2.21 -12.57
C THR B 137 -4.46 -2.50 -13.29
N ALA B 138 -5.27 -3.37 -12.71
CA ALA B 138 -6.54 -3.75 -13.31
C ALA B 138 -7.43 -2.52 -13.52
N ASN B 139 -7.40 -1.60 -12.56
CA ASN B 139 -8.20 -0.39 -12.64
C ASN B 139 -7.66 0.66 -13.59
N SER B 140 -6.49 0.39 -14.18
CA SER B 140 -5.87 1.30 -15.14
C SER B 140 -6.09 0.79 -16.56
N LEU B 141 -6.69 -0.40 -16.64
CA LEU B 141 -6.93 -1.02 -17.94
C LEU B 141 -8.22 -0.52 -18.60
N LEU B 142 -8.28 -0.59 -19.93
CA LEU B 142 -9.52 -0.39 -20.66
C LEU B 142 -10.50 -1.49 -20.28
N PRO B 143 -11.82 -1.22 -20.39
CA PRO B 143 -12.84 -2.15 -19.88
C PRO B 143 -12.66 -3.61 -20.27
N ARG B 144 -12.39 -3.91 -21.53
CA ARG B 144 -12.26 -5.30 -21.95
C ARG B 144 -10.98 -5.95 -21.42
N SER B 145 -9.92 -5.15 -21.31
CA SER B 145 -8.69 -5.63 -20.70
C SER B 145 -8.91 -5.92 -19.22
N HIS B 146 -9.61 -5.02 -18.53
CA HIS B 146 -9.88 -5.20 -17.11
C HIS B 146 -10.56 -6.54 -16.86
N ASP B 147 -11.64 -6.80 -17.59
CA ASP B 147 -12.42 -8.03 -17.39
C ASP B 147 -11.58 -9.27 -17.63
N TYR B 148 -10.74 -9.27 -18.66
CA TYR B 148 -9.89 -10.42 -18.95
C TYR B 148 -8.80 -10.59 -17.88
N PHE B 149 -8.17 -9.48 -17.51
CA PHE B 149 -7.08 -9.51 -16.54
C PHE B 149 -7.59 -9.97 -15.18
N ARG B 150 -8.62 -9.32 -14.68
CA ARG B 150 -9.17 -9.66 -13.36
C ARG B 150 -9.62 -11.11 -13.30
N SER B 151 -10.38 -11.53 -14.32
CA SER B 151 -10.89 -12.89 -14.35
C SER B 151 -9.78 -13.94 -14.41
N THR B 152 -8.75 -13.70 -15.22
CA THR B 152 -7.68 -14.68 -15.35
C THR B 152 -6.70 -14.65 -14.16
N ARG B 153 -6.41 -13.47 -13.65
CA ARG B 153 -5.49 -13.36 -12.52
C ARG B 153 -6.12 -13.82 -11.20
N GLU B 154 -7.39 -13.45 -10.97
CA GLU B 154 -8.10 -13.93 -9.77
C GLU B 154 -8.22 -15.44 -9.80
N GLN B 155 -8.53 -15.99 -10.98
CA GLN B 155 -8.55 -17.43 -11.17
C GLN B 155 -7.22 -18.04 -10.79
N LYS B 156 -6.13 -17.39 -11.20
CA LYS B 156 -4.79 -17.90 -10.97
C LYS B 156 -4.42 -17.92 -9.49
N PHE B 157 -4.60 -16.79 -8.81
CA PHE B 157 -4.18 -16.67 -7.42
C PHE B 157 -5.20 -17.15 -6.40
N GLY B 158 -6.41 -17.45 -6.87
CA GLY B 158 -7.45 -17.96 -5.99
C GLY B 158 -7.97 -16.93 -5.00
N LYS B 159 -7.77 -15.65 -5.32
CA LYS B 159 -8.22 -14.57 -4.45
C LYS B 159 -8.75 -13.43 -5.31
N LYS B 160 -9.59 -12.58 -4.71
CA LYS B 160 -9.98 -11.35 -5.39
C LYS B 160 -8.73 -10.48 -5.44
N LEU B 161 -8.63 -9.63 -6.45
CA LEU B 161 -7.46 -8.77 -6.60
C LEU B 161 -7.31 -7.86 -5.40
N GLU B 162 -8.44 -7.52 -4.79
CA GLU B 162 -8.48 -6.67 -3.60
C GLU B 162 -7.78 -7.30 -2.39
N GLU B 163 -7.57 -8.61 -2.42
CA GLU B 163 -6.96 -9.31 -1.28
C GLU B 163 -5.45 -9.48 -1.37
N LEU B 164 -4.86 -9.14 -2.51
CA LEU B 164 -3.48 -9.52 -2.77
C LEU B 164 -2.42 -8.61 -2.14
N ALA B 165 -2.68 -7.32 -2.08
CA ALA B 165 -1.71 -6.39 -1.50
C ALA B 165 -1.73 -6.44 0.03
N THR B 166 -0.59 -6.79 0.64
CA THR B 166 -0.47 -6.89 2.10
C THR B 166 0.87 -6.34 2.58
N GLU B 167 0.99 -6.13 3.89
CA GLU B 167 2.26 -5.65 4.43
C GLU B 167 3.34 -6.72 4.35
N GLU B 168 2.94 -7.98 4.35
CA GLU B 168 3.87 -9.07 4.15
C GLU B 168 4.52 -8.99 2.77
N GLU B 169 3.76 -8.54 1.78
CA GLU B 169 4.30 -8.38 0.43
C GLU B 169 5.31 -7.23 0.40
N TRP B 170 5.04 -6.18 1.18
CA TRP B 170 6.00 -5.08 1.31
C TRP B 170 7.30 -5.58 1.95
N ALA B 171 7.19 -6.51 2.87
CA ALA B 171 8.37 -7.07 3.52
C ALA B 171 9.15 -7.92 2.52
N LYS B 172 8.41 -8.62 1.67
CA LYS B 172 9.03 -9.43 0.61
C LYS B 172 9.77 -8.57 -0.40
N VAL B 173 9.15 -7.44 -0.78
CA VAL B 173 9.81 -6.51 -1.68
C VAL B 173 11.13 -6.04 -1.10
N GLU B 174 11.08 -5.61 0.16
CA GLU B 174 12.28 -5.08 0.81
C GLU B 174 13.35 -6.15 0.93
N ALA B 175 12.95 -7.37 1.30
CA ALA B 175 13.87 -8.50 1.42
C ALA B 175 14.52 -8.82 0.07
N GLY B 176 13.75 -8.73 -1.00
CA GLY B 176 14.26 -8.97 -2.34
C GLY B 176 15.23 -7.89 -2.78
N LEU B 177 14.88 -6.65 -2.48
CA LEU B 177 15.79 -5.54 -2.77
C LEU B 177 17.05 -5.61 -1.90
N ALA B 178 16.93 -6.14 -0.69
CA ALA B 178 18.12 -6.34 0.14
C ALA B 178 19.09 -7.33 -0.52
N LYS B 179 18.54 -8.42 -1.07
CA LYS B 179 19.36 -9.40 -1.80
C LYS B 179 20.05 -8.73 -2.99
N LEU B 180 19.27 -8.02 -3.78
CA LEU B 180 19.80 -7.27 -4.92
C LEU B 180 20.90 -6.28 -4.52
N LYS B 181 20.70 -5.56 -3.41
CA LYS B 181 21.70 -4.61 -2.92
C LYS B 181 22.99 -5.33 -2.57
N GLY B 182 22.84 -6.49 -1.94
CA GLY B 182 23.96 -7.38 -1.66
C GLY B 182 24.75 -7.77 -2.90
N TYR B 183 24.06 -8.12 -3.99
CA TYR B 183 24.75 -8.51 -5.21
C TYR B 183 25.52 -7.32 -5.77
N LEU B 184 24.85 -6.17 -5.83
CA LEU B 184 25.47 -4.94 -6.30
C LEU B 184 26.66 -4.51 -5.41
N ASP B 185 26.57 -4.81 -4.12
CA ASP B 185 27.67 -4.50 -3.21
C ASP B 185 28.97 -5.20 -3.60
N ALA B 186 28.84 -6.37 -4.23
CA ALA B 186 30.02 -7.13 -4.63
C ALA B 186 30.87 -6.39 -5.66
N ASN B 187 30.28 -5.43 -6.36
CA ASN B 187 31.03 -4.66 -7.35
C ASN B 187 31.97 -3.63 -6.72
N GLY B 188 31.75 -3.31 -5.45
CA GLY B 188 32.55 -2.31 -4.76
C GLY B 188 31.91 -0.94 -4.82
N LYS B 189 32.37 -0.05 -3.93
CA LYS B 189 31.85 1.33 -3.88
C LYS B 189 32.04 2.02 -5.21
N GLY B 190 31.07 2.83 -5.61
CA GLY B 190 31.16 3.54 -6.87
C GLY B 190 30.74 2.68 -8.06
N ASN B 191 30.51 1.39 -7.82
CA ASN B 191 30.14 0.49 -8.90
C ASN B 191 28.89 -0.30 -8.59
N ASP B 192 28.20 0.12 -7.54
CA ASP B 192 27.10 -0.68 -7.00
C ASP B 192 25.74 -0.15 -7.44
N LEU B 193 25.71 0.63 -8.52
CA LEU B 193 24.41 1.06 -9.07
C LEU B 193 24.07 0.46 -10.44
N LEU B 194 25.00 -0.32 -10.99
CA LEU B 194 24.75 -1.11 -12.20
C LEU B 194 25.37 -2.49 -12.01
N LEU B 195 24.73 -3.52 -12.54
CA LEU B 195 25.21 -4.88 -12.36
C LEU B 195 26.66 -5.09 -12.80
N MET B 196 27.05 -4.44 -13.90
CA MET B 196 28.41 -4.56 -14.38
C MET B 196 29.28 -3.36 -13.99
N GLY B 197 28.80 -2.56 -13.04
CA GLY B 197 29.63 -1.49 -12.49
C GLY B 197 29.50 -0.18 -13.24
N ALA B 198 30.16 0.87 -12.74
CA ALA B 198 29.99 2.22 -13.27
C ALA B 198 30.30 2.33 -14.76
N GLN B 199 31.35 1.67 -15.23
CA GLN B 199 31.74 1.75 -16.62
C GLN B 199 31.28 0.54 -17.43
N GLY B 200 30.44 -0.29 -16.83
CA GLY B 200 29.95 -1.48 -17.51
C GLY B 200 28.81 -1.17 -18.46
N GLY B 201 28.09 -0.08 -18.19
CA GLY B 201 26.92 0.26 -18.98
C GLY B 201 25.70 -0.54 -18.56
N ILE B 202 24.55 -0.15 -19.10
CA ILE B 202 23.27 -0.79 -18.77
C ILE B 202 23.14 -2.10 -19.50
N THR B 203 22.78 -3.15 -18.77
CA THR B 203 22.51 -4.46 -19.38
C THR B 203 21.02 -4.72 -19.40
N TYR B 204 20.60 -5.75 -20.14
CA TYR B 204 19.20 -6.18 -20.10
C TYR B 204 18.74 -6.46 -18.66
N SER B 205 19.64 -7.01 -17.86
CA SER B 205 19.30 -7.34 -16.49
C SER B 205 19.01 -6.10 -15.64
N ASP B 206 19.78 -5.04 -15.83
CA ASP B 206 19.48 -3.76 -15.15
C ASP B 206 18.09 -3.26 -15.55
N ILE B 207 17.82 -3.27 -16.85
CA ILE B 207 16.50 -2.93 -17.40
C ILE B 207 15.36 -3.74 -16.80
N GLN B 208 15.59 -5.01 -16.52
CA GLN B 208 14.55 -5.83 -15.88
C GLN B 208 14.16 -5.27 -14.50
N ILE B 209 15.15 -4.84 -13.72
CA ILE B 209 14.87 -4.28 -12.41
C ILE B 209 14.18 -2.93 -12.54
N ALA B 210 14.71 -2.08 -13.42
CA ALA B 210 14.11 -0.78 -13.68
C ALA B 210 12.67 -0.90 -14.16
N SER B 211 12.36 -1.96 -14.92
CA SER B 211 11.02 -2.17 -15.45
CA SER B 211 11.02 -2.10 -15.45
C SER B 211 10.02 -2.41 -14.33
N PHE B 212 10.49 -3.03 -13.25
CA PHE B 212 9.62 -3.22 -12.08
C PHE B 212 9.31 -1.88 -11.43
N PHE B 213 10.32 -1.02 -11.33
CA PHE B 213 10.13 0.31 -10.75
C PHE B 213 9.22 1.21 -11.59
N VAL B 214 9.44 1.27 -12.89
CA VAL B 214 8.65 2.20 -13.71
C VAL B 214 7.17 1.76 -13.71
N TRP B 215 6.97 0.46 -13.67
CA TRP B 215 5.65 -0.15 -13.52
C TRP B 215 4.95 0.37 -12.25
N ALA B 216 5.60 0.22 -11.10
CA ALA B 216 5.04 0.71 -9.85
C ALA B 216 4.85 2.23 -9.85
N LYS B 217 5.82 2.96 -10.40
CA LYS B 217 5.73 4.42 -10.45
C LYS B 217 4.51 4.88 -11.26
N ILE B 218 4.31 4.26 -12.41
CA ILE B 218 3.25 4.67 -13.31
C ILE B 218 1.87 4.31 -12.76
N ILE B 219 1.76 3.10 -12.23
CA ILE B 219 0.52 2.59 -11.69
C ILE B 219 0.10 3.29 -10.38
N TRP B 220 1.07 3.56 -9.50
CA TRP B 220 0.78 4.22 -8.23
C TRP B 220 0.71 5.73 -8.39
N GLY B 221 1.53 6.25 -9.29
CA GLY B 221 1.70 7.69 -9.41
C GLY B 221 2.98 8.12 -8.75
N GLU B 222 3.75 8.95 -9.45
CA GLU B 222 5.06 9.40 -8.98
C GLU B 222 4.94 10.30 -7.76
N GLY B 223 3.78 10.93 -7.57
CA GLY B 223 3.56 11.75 -6.40
C GLY B 223 2.94 10.98 -5.24
N SER B 224 2.74 9.68 -5.43
CA SER B 224 2.07 8.89 -4.40
C SER B 224 2.98 8.54 -3.23
N GLU B 225 2.36 8.20 -2.10
CA GLU B 225 3.10 7.75 -0.92
C GLU B 225 3.66 6.34 -1.10
N LYS B 226 2.91 5.50 -1.82
CA LYS B 226 3.37 4.15 -2.09
C LYS B 226 4.66 4.18 -2.89
N TRP B 227 4.71 5.00 -3.93
CA TRP B 227 5.92 5.17 -4.73
C TRP B 227 7.06 5.69 -3.87
N LYS B 228 6.74 6.64 -3.00
CA LYS B 228 7.74 7.24 -2.12
C LYS B 228 8.28 6.19 -1.15
N ARG B 229 7.40 5.32 -0.66
CA ARG B 229 7.82 4.25 0.25
C ARG B 229 8.78 3.27 -0.43
N LEU B 230 8.41 2.79 -1.61
CA LEU B 230 9.28 1.89 -2.36
C LEU B 230 10.63 2.54 -2.64
N ILE B 231 10.59 3.72 -3.23
CA ILE B 231 11.82 4.37 -3.71
C ILE B 231 12.72 4.84 -2.55
N SER B 232 12.18 4.93 -1.34
CA SER B 232 12.96 5.37 -0.17
C SER B 232 13.71 4.25 0.57
N LEU B 233 13.40 2.99 0.23
CA LEU B 233 14.06 1.85 0.88
C LEU B 233 15.59 1.89 0.77
N HIS B 234 16.25 1.28 1.73
CA HIS B 234 17.71 1.18 1.76
C HIS B 234 18.39 2.53 1.56
N ASP B 235 17.87 3.52 2.29
CA ASP B 235 18.46 4.84 2.38
C ASP B 235 18.54 5.58 1.05
N GLY B 236 17.56 5.33 0.18
CA GLY B 236 17.51 6.03 -1.08
C GLY B 236 18.36 5.41 -2.17
N LYS B 237 18.85 4.19 -1.94
CA LYS B 237 19.66 3.53 -2.97
C LYS B 237 18.88 3.32 -4.26
N TRP B 238 17.61 2.92 -4.13
CA TRP B 238 16.77 2.64 -5.29
C TRP B 238 16.37 3.88 -6.07
N ALA B 239 16.23 5.02 -5.37
CA ALA B 239 16.04 6.30 -6.06
C ALA B 239 17.24 6.60 -6.96
N GLN B 240 18.43 6.33 -6.45
CA GLN B 240 19.63 6.54 -7.25
C GLN B 240 19.69 5.57 -8.41
N PHE B 241 19.38 4.30 -8.13
CA PHE B 241 19.44 3.28 -9.17
C PHE B 241 18.45 3.64 -10.28
N TYR B 242 17.22 3.89 -9.88
CA TYR B 242 16.16 4.13 -10.83
C TYR B 242 16.37 5.43 -11.62
N ALA B 243 16.99 6.43 -11.00
CA ALA B 243 17.21 7.72 -11.66
C ALA B 243 18.08 7.59 -12.92
N GLN B 244 18.78 6.47 -13.05
CA GLN B 244 19.62 6.23 -14.22
C GLN B 244 18.80 5.97 -15.48
N PHE B 245 17.52 5.67 -15.29
CA PHE B 245 16.69 5.18 -16.39
C PHE B 245 15.69 6.20 -16.92
N THR B 246 15.50 7.28 -16.18
CA THR B 246 14.48 8.28 -16.49
C THR B 246 14.70 8.95 -17.84
N LYS B 247 15.95 9.01 -18.27
CA LYS B 247 16.27 9.59 -19.57
C LYS B 247 15.82 8.70 -20.72
N PHE B 248 15.41 7.47 -20.42
CA PHE B 248 15.06 6.51 -21.47
C PHE B 248 13.59 6.12 -21.42
N GLU B 249 12.74 7.03 -20.98
CA GLU B 249 11.34 6.71 -20.78
C GLU B 249 10.42 7.44 -21.78
N GLN B 250 10.92 7.64 -22.99
CA GLN B 250 10.16 8.21 -24.10
C GLN B 250 8.95 7.34 -24.41
N VAL B 251 7.81 7.98 -24.60
CA VAL B 251 6.58 7.27 -24.94
C VAL B 251 5.94 7.90 -26.18
N ALA C 2 -23.49 32.08 -24.06
CA ALA C 2 -24.25 31.11 -23.28
C ALA C 2 -25.65 31.60 -22.97
N GLN C 3 -26.61 30.68 -22.98
CA GLN C 3 -28.00 30.98 -22.64
C GLN C 3 -28.21 30.86 -21.12
N PRO C 4 -29.24 31.53 -20.59
CA PRO C 4 -29.60 31.45 -19.17
C PRO C 4 -30.06 30.06 -18.75
N ILE C 5 -29.57 29.61 -17.60
CA ILE C 5 -30.06 28.39 -16.97
C ILE C 5 -31.51 28.59 -16.53
N VAL C 6 -32.36 27.59 -16.71
CA VAL C 6 -33.73 27.68 -16.19
C VAL C 6 -33.77 27.08 -14.78
N PHE C 7 -34.14 27.92 -13.81
CA PHE C 7 -34.13 27.56 -12.39
C PHE C 7 -35.56 27.49 -11.83
N TYR C 8 -35.94 26.33 -11.29
CA TYR C 8 -37.32 26.13 -10.83
C TYR C 8 -37.44 26.36 -9.34
N ASP C 9 -38.22 27.37 -8.98
CA ASP C 9 -38.41 27.78 -7.59
C ASP C 9 -39.91 27.78 -7.24
N ILE C 10 -40.21 27.94 -5.95
CA ILE C 10 -41.59 27.95 -5.48
C ILE C 10 -42.04 29.37 -5.13
N PRO C 11 -43.18 29.79 -5.69
CA PRO C 11 -43.69 31.16 -5.50
C PRO C 11 -44.24 31.43 -4.10
N SER C 12 -44.51 32.71 -3.83
CA SER C 12 -45.10 33.12 -2.56
C SER C 12 -46.13 34.23 -2.77
N ASN C 13 -46.90 34.52 -1.72
CA ASN C 13 -47.94 35.53 -1.79
C ASN C 13 -47.44 36.91 -1.38
N GLU C 14 -48.38 37.78 -1.02
CA GLU C 14 -48.04 39.17 -0.77
C GLU C 14 -47.49 39.40 0.64
N ARG C 15 -47.72 38.43 1.52
CA ARG C 15 -47.20 38.53 2.89
C ARG C 15 -45.69 38.79 2.91
N ILE C 16 -44.96 38.12 2.01
CA ILE C 16 -43.52 38.35 1.91
C ILE C 16 -43.13 38.99 0.57
N LYS C 17 -44.10 39.67 -0.04
CA LYS C 17 -43.91 40.44 -1.27
C LYS C 17 -43.40 39.58 -2.43
N HIS C 18 -43.96 38.37 -2.53
CA HIS C 18 -43.69 37.46 -3.64
C HIS C 18 -42.23 37.00 -3.75
N SER C 19 -41.46 37.19 -2.69
CA SER C 19 -40.05 36.76 -2.65
C SER C 19 -39.90 35.23 -2.70
N PRO C 20 -38.79 34.75 -3.29
CA PRO C 20 -38.48 33.33 -3.10
C PRO C 20 -38.12 33.15 -1.63
N TRP C 21 -38.29 31.95 -1.09
CA TRP C 21 -38.25 31.76 0.37
C TRP C 21 -37.64 30.42 0.77
N SER C 22 -37.78 29.42 -0.10
CA SER C 22 -37.40 28.05 0.27
C SER C 22 -35.92 27.90 0.61
N PRO C 23 -35.61 27.22 1.73
CA PRO C 23 -34.20 27.03 2.09
C PRO C 23 -33.51 26.11 1.09
N ASN C 24 -34.26 25.20 0.48
CA ASN C 24 -33.69 24.29 -0.49
C ASN C 24 -33.39 24.93 -1.84
N THR C 25 -34.33 25.71 -2.36
CA THR C 25 -34.07 26.43 -3.61
C THR C 25 -33.06 27.55 -3.42
N TRP C 26 -33.10 28.23 -2.26
CA TRP C 26 -32.13 29.29 -1.96
C TRP C 26 -30.67 28.81 -2.01
N LYS C 27 -30.44 27.54 -1.73
CA LYS C 27 -29.08 27.00 -1.84
C LYS C 27 -28.59 27.14 -3.29
N ILE C 28 -29.50 26.92 -4.23
CA ILE C 28 -29.12 26.97 -5.64
C ILE C 28 -29.20 28.40 -6.18
N ARG C 29 -30.13 29.20 -5.66
CA ARG C 29 -30.16 30.62 -5.99
C ARG C 29 -28.86 31.28 -5.52
N TYR C 30 -28.41 30.92 -4.31
CA TYR C 30 -27.13 31.40 -3.80
C TYR C 30 -25.97 30.90 -4.70
N ALA C 31 -26.00 29.61 -5.02
CA ALA C 31 -24.95 29.04 -5.86
C ALA C 31 -24.82 29.80 -7.19
N LEU C 32 -25.96 30.02 -7.85
CA LEU C 32 -26.00 30.71 -9.15
C LEU C 32 -25.53 32.16 -9.04
N ASN C 33 -26.02 32.88 -8.03
CA ASN C 33 -25.61 34.27 -7.77
C ASN C 33 -24.12 34.38 -7.44
N TYR C 34 -23.66 33.52 -6.53
CA TYR C 34 -22.25 33.48 -6.15
C TYR C 34 -21.32 33.19 -7.34
N LYS C 35 -21.75 32.32 -8.24
CA LYS C 35 -20.91 31.96 -9.38
C LYS C 35 -21.03 32.96 -10.52
N GLY C 36 -21.95 33.92 -10.38
CA GLY C 36 -22.22 34.89 -11.43
C GLY C 36 -22.77 34.28 -12.70
N LEU C 37 -23.57 33.23 -12.56
CA LEU C 37 -24.16 32.56 -13.70
C LEU C 37 -25.54 33.14 -14.02
N LYS C 38 -25.84 33.28 -15.31
CA LYS C 38 -27.12 33.82 -15.75
C LYS C 38 -28.23 32.79 -15.63
N TYR C 39 -29.36 33.19 -15.06
CA TYR C 39 -30.50 32.28 -14.97
C TYR C 39 -31.83 33.01 -15.01
N LYS C 40 -32.87 32.30 -15.41
CA LYS C 40 -34.23 32.79 -15.26
C LYS C 40 -35.03 31.82 -14.42
N THR C 41 -35.98 32.36 -13.67
CA THR C 41 -36.75 31.56 -12.73
C THR C 41 -38.13 31.19 -13.28
N GLU C 42 -38.40 29.89 -13.32
CA GLU C 42 -39.75 29.38 -13.56
C GLU C 42 -40.38 29.03 -12.22
N TRP C 43 -41.52 29.64 -11.92
CA TRP C 43 -42.20 29.44 -10.64
C TRP C 43 -43.19 28.26 -10.69
N VAL C 44 -43.10 27.37 -9.72
CA VAL C 44 -43.96 26.18 -9.65
C VAL C 44 -44.55 26.00 -8.26
N GLU C 45 -45.89 25.94 -8.16
CA GLU C 45 -46.56 25.74 -6.89
C GLU C 45 -46.34 24.31 -6.42
N TYR C 46 -46.33 24.11 -5.10
CA TYR C 46 -46.10 22.77 -4.51
C TYR C 46 -46.83 21.60 -5.21
N PRO C 47 -48.18 21.65 -5.33
CA PRO C 47 -48.84 20.49 -5.93
C PRO C 47 -48.47 20.23 -7.38
N ASP C 48 -47.82 21.20 -8.03
CA ASP C 48 -47.49 21.08 -9.45
C ASP C 48 -46.08 20.55 -9.70
N ILE C 49 -45.27 20.48 -8.65
CA ILE C 49 -43.86 20.12 -8.78
C ILE C 49 -43.66 18.80 -9.51
N ALA C 50 -44.27 17.74 -9.01
CA ALA C 50 -44.10 16.40 -9.59
C ALA C 50 -44.37 16.38 -11.10
N GLY C 51 -45.49 16.98 -11.51
CA GLY C 51 -45.86 17.03 -12.92
C GLY C 51 -44.87 17.81 -13.77
N VAL C 52 -44.49 18.99 -13.29
CA VAL C 52 -43.54 19.82 -14.02
C VAL C 52 -42.19 19.13 -14.19
N VAL C 53 -41.67 18.57 -13.10
CA VAL C 53 -40.38 17.87 -13.14
C VAL C 53 -40.41 16.66 -14.07
N GLN C 54 -41.46 15.85 -13.96
CA GLN C 54 -41.64 14.69 -14.84
C GLN C 54 -41.66 15.10 -16.31
N LYS C 55 -42.43 16.15 -16.61
CA LYS C 55 -42.55 16.68 -17.96
C LYS C 55 -41.20 17.10 -18.54
N LEU C 56 -40.35 17.70 -17.70
CA LEU C 56 -39.01 18.13 -18.10
C LEU C 56 -38.08 16.97 -18.44
N GLY C 57 -38.30 15.83 -17.79
CA GLY C 57 -37.43 14.68 -17.89
C GLY C 57 -36.65 14.42 -16.61
N GLY C 58 -36.89 15.26 -15.60
CA GLY C 58 -36.20 15.14 -14.33
C GLY C 58 -36.58 13.91 -13.55
N LYS C 59 -35.79 13.61 -12.52
CA LYS C 59 -35.99 12.44 -11.69
C LYS C 59 -36.41 12.89 -10.31
N PRO C 60 -37.07 12.00 -9.55
CA PRO C 60 -37.39 12.35 -8.16
C PRO C 60 -36.12 12.28 -7.33
N THR C 61 -36.14 12.84 -6.12
CA THR C 61 -34.93 12.93 -5.33
C THR C 61 -34.93 11.99 -4.13
N GLU C 62 -36.09 11.43 -3.81
CA GLU C 62 -36.18 10.47 -2.72
C GLU C 62 -37.44 9.60 -2.83
N LYS C 63 -37.66 8.79 -1.80
CA LYS C 63 -38.84 7.93 -1.72
C LYS C 63 -39.62 8.21 -0.45
N THR C 64 -40.94 8.29 -0.57
CA THR C 64 -41.81 8.41 0.58
C THR C 64 -41.71 7.13 1.41
N PRO C 65 -42.14 7.17 2.69
CA PRO C 65 -42.10 5.95 3.52
C PRO C 65 -42.91 4.80 2.93
N ASP C 66 -43.82 5.11 2.02
CA ASP C 66 -44.64 4.10 1.34
C ASP C 66 -43.90 3.49 0.16
N GLY C 67 -42.75 4.06 -0.18
CA GLY C 67 -41.96 3.57 -1.30
C GLY C 67 -42.28 4.27 -2.60
N ARG C 68 -42.99 5.39 -2.51
CA ARG C 68 -43.36 6.15 -3.69
C ARG C 68 -42.30 7.21 -4.02
N ASP C 69 -42.20 7.59 -5.28
CA ASP C 69 -41.27 8.63 -5.72
C ASP C 69 -41.67 10.00 -5.22
N HIS C 70 -40.70 10.74 -4.67
CA HIS C 70 -40.96 12.10 -4.20
C HIS C 70 -40.15 13.12 -5.01
N TYR C 71 -40.85 13.94 -5.77
CA TYR C 71 -40.22 14.96 -6.62
C TYR C 71 -40.08 16.27 -5.86
N THR C 72 -38.94 16.93 -6.02
CA THR C 72 -38.67 18.17 -5.28
C THR C 72 -38.01 19.24 -6.14
N LEU C 73 -38.08 20.48 -5.67
CA LEU C 73 -37.30 21.57 -6.22
C LEU C 73 -36.22 21.85 -5.18
N PRO C 74 -35.10 22.48 -5.58
CA PRO C 74 -34.81 23.00 -6.91
C PRO C 74 -34.47 21.95 -7.96
N VAL C 75 -34.72 22.33 -9.21
CA VAL C 75 -34.30 21.59 -10.39
C VAL C 75 -33.82 22.69 -11.35
N ILE C 76 -32.88 22.35 -12.23
CA ILE C 76 -32.53 23.28 -13.31
C ILE C 76 -32.56 22.58 -14.65
N TYR C 77 -32.79 23.36 -15.70
CA TYR C 77 -32.51 22.93 -17.06
C TYR C 77 -31.45 23.85 -17.65
N ASP C 78 -30.33 23.28 -18.04
CA ASP C 78 -29.24 24.06 -18.58
C ASP C 78 -29.25 23.87 -20.10
N PRO C 79 -29.70 24.90 -20.82
CA PRO C 79 -29.80 24.82 -22.29
C PRO C 79 -28.44 24.67 -22.96
N ASN C 80 -27.36 24.98 -22.22
CA ASN C 80 -26.03 24.92 -22.81
C ASN C 80 -25.49 23.51 -22.93
N THR C 81 -25.94 22.64 -22.03
CA THR C 81 -25.53 21.25 -22.03
C THR C 81 -26.73 20.35 -22.31
N LYS C 82 -27.90 20.96 -22.30
CA LYS C 82 -29.18 20.26 -22.43
C LYS C 82 -29.47 19.31 -21.28
N LYS C 83 -28.94 19.63 -20.10
CA LYS C 83 -29.14 18.73 -18.98
C LYS C 83 -30.19 19.21 -18.00
N VAL C 84 -30.93 18.26 -17.46
CA VAL C 84 -31.86 18.51 -16.38
C VAL C 84 -31.18 17.99 -15.13
N VAL C 85 -31.06 18.84 -14.12
CA VAL C 85 -30.38 18.41 -12.90
C VAL C 85 -31.25 18.70 -11.69
N GLU C 86 -31.42 17.68 -10.84
CA GLU C 86 -32.21 17.81 -9.62
C GLU C 86 -31.36 17.51 -8.39
N ASP C 87 -31.91 17.84 -7.21
CA ASP C 87 -31.25 17.67 -5.91
C ASP C 87 -30.19 18.75 -5.74
N SER C 88 -30.40 19.62 -4.76
CA SER C 88 -29.57 20.81 -4.62
C SER C 88 -28.06 20.54 -4.59
N ALA C 89 -27.61 19.54 -3.82
CA ALA C 89 -26.16 19.29 -3.74
C ALA C 89 -25.62 18.84 -5.08
N ALA C 90 -26.40 18.04 -5.78
CA ALA C 90 -26.00 17.54 -7.08
C ALA C 90 -25.94 18.67 -8.09
N ILE C 91 -26.88 19.61 -7.96
CA ILE C 91 -26.91 20.75 -8.86
C ILE C 91 -25.67 21.62 -8.65
N ALA C 92 -25.37 21.91 -7.38
CA ALA C 92 -24.19 22.73 -7.07
C ALA C 92 -22.92 22.12 -7.66
N LYS C 93 -22.78 20.80 -7.53
CA LYS C 93 -21.58 20.11 -7.98
C LYS C 93 -21.53 20.17 -9.50
N TYR C 94 -22.69 19.98 -10.12
CA TYR C 94 -22.84 20.08 -11.56
C TYR C 94 -22.34 21.45 -12.04
N LEU C 95 -22.70 22.49 -11.29
CA LEU C 95 -22.32 23.84 -11.67
C LEU C 95 -20.80 24.06 -11.60
N ASP C 96 -20.17 23.50 -10.57
CA ASP C 96 -18.71 23.47 -10.45
C ASP C 96 -18.06 22.80 -11.66
N GLU C 97 -18.59 21.64 -12.06
CA GLU C 97 -17.96 20.84 -13.11
C GLU C 97 -18.15 21.43 -14.49
N THR C 98 -19.33 22.02 -14.70
CA THR C 98 -19.73 22.53 -15.99
C THR C 98 -19.19 23.93 -16.21
N TYR C 99 -19.09 24.70 -15.13
CA TYR C 99 -18.54 26.05 -15.24
C TYR C 99 -17.28 26.24 -14.39
N PRO C 100 -16.17 25.62 -14.81
CA PRO C 100 -14.97 25.48 -13.99
C PRO C 100 -14.25 26.78 -13.70
N ASP C 101 -14.56 27.84 -14.43
CA ASP C 101 -13.92 29.13 -14.20
C ASP C 101 -14.61 29.90 -13.07
N THR C 102 -15.74 29.40 -12.60
CA THR C 102 -16.46 30.07 -11.53
C THR C 102 -15.96 29.58 -10.17
N PRO C 103 -16.15 30.40 -9.12
CA PRO C 103 -15.69 29.97 -7.78
C PRO C 103 -16.28 28.62 -7.39
N LYS C 104 -15.41 27.74 -6.90
CA LYS C 104 -15.77 26.36 -6.59
C LYS C 104 -16.58 26.28 -5.30
N LEU C 105 -17.66 25.53 -5.34
CA LEU C 105 -18.47 25.32 -4.16
C LEU C 105 -18.00 24.07 -3.43
N PHE C 106 -17.34 23.17 -4.17
CA PHE C 106 -16.72 21.96 -3.59
C PHE C 106 -15.23 21.91 -3.94
N PRO C 107 -14.41 22.66 -3.20
CA PRO C 107 -12.96 22.61 -3.43
C PRO C 107 -12.43 21.17 -3.35
N ALA C 108 -11.40 20.86 -4.13
CA ALA C 108 -10.87 19.50 -4.19
C ALA C 108 -10.51 19.02 -2.79
N GLY C 109 -10.80 17.75 -2.51
CA GLY C 109 -10.55 17.19 -1.20
C GLY C 109 -11.67 17.37 -0.17
N THR C 110 -12.72 18.10 -0.54
CA THR C 110 -13.80 18.41 0.43
C THR C 110 -15.15 17.72 0.20
N ASP C 111 -15.29 16.91 -0.85
CA ASP C 111 -16.61 16.41 -1.22
C ASP C 111 -17.20 15.49 -0.15
N ALA C 112 -16.39 14.55 0.34
CA ALA C 112 -16.85 13.67 1.41
C ALA C 112 -17.13 14.42 2.71
N PHE C 113 -16.24 15.34 3.09
CA PHE C 113 -16.47 16.14 4.30
C PHE C 113 -17.76 16.96 4.20
N GLN C 114 -18.04 17.52 3.02
CA GLN C 114 -19.26 18.28 2.84
C GLN C 114 -20.50 17.40 2.85
N ALA C 115 -20.42 16.20 2.26
CA ALA C 115 -21.54 15.27 2.30
C ALA C 115 -21.92 14.94 3.76
N ALA C 116 -20.90 14.76 4.59
CA ALA C 116 -21.10 14.45 6.00
C ALA C 116 -21.67 15.68 6.72
N PHE C 117 -21.13 16.86 6.43
CA PHE C 117 -21.65 18.09 7.03
C PHE C 117 -23.12 18.31 6.64
N LEU C 118 -23.43 18.14 5.37
CA LEU C 118 -24.80 18.34 4.88
C LEU C 118 -25.81 17.38 5.52
N ASP C 119 -25.37 16.16 5.81
CA ASP C 119 -26.21 15.16 6.44
C ASP C 119 -26.54 15.59 7.87
N PHE C 120 -25.63 16.36 8.48
CA PHE C 120 -25.80 16.89 9.84
C PHE C 120 -26.68 18.15 9.90
N ALA C 121 -26.61 18.97 8.87
CA ALA C 121 -27.19 20.31 8.88
C ALA C 121 -28.68 20.32 9.15
N TRP C 122 -29.44 19.46 8.48
CA TRP C 122 -30.89 19.47 8.64
CA TRP C 122 -30.89 19.47 8.64
C TRP C 122 -31.36 18.97 10.01
N PRO C 123 -30.93 17.76 10.43
CA PRO C 123 -31.51 17.33 11.70
C PRO C 123 -31.05 18.16 12.90
N VAL C 124 -29.88 18.79 12.79
CA VAL C 124 -29.33 19.51 13.92
C VAL C 124 -29.69 20.99 13.95
N LEU C 125 -29.86 21.60 12.78
CA LEU C 125 -30.21 23.01 12.77
C LEU C 125 -31.44 23.27 11.92
N GLY C 126 -31.49 22.66 10.75
CA GLY C 126 -32.54 22.96 9.78
C GLY C 126 -33.92 22.61 10.31
N PHE C 127 -34.03 21.43 10.90
CA PHE C 127 -35.31 20.97 11.40
C PHE C 127 -35.87 21.85 12.54
N PRO C 128 -35.07 22.14 13.58
CA PRO C 128 -35.61 23.06 14.60
C PRO C 128 -35.98 24.45 14.03
N VAL C 129 -35.18 25.00 13.12
CA VAL C 129 -35.53 26.25 12.47
C VAL C 129 -36.87 26.13 11.76
N PHE C 130 -37.03 25.02 11.04
CA PHE C 130 -38.26 24.69 10.34
C PHE C 130 -39.49 24.86 11.25
N MET C 131 -39.44 24.28 12.44
CA MET C 131 -40.56 24.33 13.35
C MET C 131 -40.92 25.76 13.75
N LEU C 132 -39.91 26.62 13.79
CA LEU C 132 -40.12 27.99 14.20
C LEU C 132 -40.67 28.88 13.08
N VAL C 133 -40.62 28.41 11.84
CA VAL C 133 -41.03 29.22 10.68
C VAL C 133 -42.11 28.56 9.84
N ILE C 134 -42.48 27.33 10.17
CA ILE C 134 -43.36 26.54 9.30
C ILE C 134 -44.79 27.12 9.16
N LEU C 135 -45.33 27.70 10.24
CA LEU C 135 -46.65 28.33 10.18
C LEU C 135 -46.62 29.57 9.31
N ASP C 136 -45.68 30.46 9.60
CA ASP C 136 -45.55 31.69 8.84
C ASP C 136 -45.21 31.38 7.39
N THR C 137 -44.45 30.30 7.17
CA THR C 137 -44.17 29.83 5.81
C THR C 137 -45.48 29.44 5.13
N ALA C 138 -46.31 28.65 5.82
CA ALA C 138 -47.58 28.21 5.25
C ALA C 138 -48.47 29.39 4.89
N ASN C 139 -48.41 30.45 5.70
CA ASN C 139 -49.19 31.66 5.46
C ASN C 139 -48.56 32.56 4.41
N SER C 140 -47.44 32.11 3.84
CA SER C 140 -46.69 32.90 2.86
C SER C 140 -46.87 32.33 1.45
N LEU C 141 -47.51 31.18 1.36
CA LEU C 141 -47.74 30.51 0.10
C LEU C 141 -49.02 30.99 -0.60
N LEU C 142 -49.12 30.74 -1.90
CA LEU C 142 -50.35 30.91 -2.64
C LEU C 142 -51.32 29.82 -2.16
N PRO C 143 -52.64 30.09 -2.25
CA PRO C 143 -53.70 29.19 -1.76
C PRO C 143 -53.51 27.72 -2.08
N ARG C 144 -53.23 27.38 -3.33
CA ARG C 144 -53.04 25.98 -3.71
C ARG C 144 -51.82 25.36 -3.05
N SER C 145 -50.75 26.16 -2.92
CA SER C 145 -49.54 25.71 -2.25
C SER C 145 -49.81 25.57 -0.76
N HIS C 146 -50.48 26.56 -0.19
CA HIS C 146 -50.88 26.56 1.21
C HIS C 146 -51.59 25.27 1.60
N ASP C 147 -52.68 24.95 0.88
CA ASP C 147 -53.48 23.79 1.23
C ASP C 147 -52.66 22.50 1.18
N TYR C 148 -51.93 22.31 0.09
CA TYR C 148 -51.04 21.15 -0.05
C TYR C 148 -49.97 21.10 1.05
N PHE C 149 -49.39 22.26 1.37
CA PHE C 149 -48.31 22.31 2.36
C PHE C 149 -48.83 21.99 3.76
N ARG C 150 -49.83 22.75 4.20
CA ARG C 150 -50.41 22.55 5.53
C ARG C 150 -50.91 21.11 5.70
N SER C 151 -51.62 20.61 4.72
CA SER C 151 -52.14 19.25 4.75
C SER C 151 -51.03 18.21 4.85
N THR C 152 -50.05 18.30 3.96
CA THR C 152 -48.99 17.29 3.91
C THR C 152 -48.07 17.33 5.13
N ARG C 153 -47.85 18.53 5.67
CA ARG C 153 -46.95 18.67 6.82
C ARG C 153 -47.65 18.34 8.14
N GLU C 154 -48.89 18.79 8.30
CA GLU C 154 -49.66 18.46 9.49
C GLU C 154 -49.84 16.94 9.61
N GLN C 155 -50.02 16.27 8.47
CA GLN C 155 -50.06 14.82 8.43
C GLN C 155 -48.73 14.25 8.91
N LYS C 156 -47.65 14.76 8.33
CA LYS C 156 -46.31 14.30 8.66
C LYS C 156 -46.03 14.41 10.16
N PHE C 157 -46.19 15.61 10.70
CA PHE C 157 -45.84 15.87 12.08
C PHE C 157 -46.98 15.61 13.09
N GLY C 158 -48.11 15.15 12.59
CA GLY C 158 -49.23 14.79 13.45
C GLY C 158 -49.73 15.89 14.38
N LYS C 159 -49.54 17.15 13.98
CA LYS C 159 -49.97 18.29 14.77
C LYS C 159 -50.38 19.45 13.87
N LYS C 160 -51.19 20.35 14.39
CA LYS C 160 -51.47 21.61 13.71
C LYS C 160 -50.20 22.42 13.62
N LEU C 161 -50.06 23.22 12.55
CA LEU C 161 -48.87 24.03 12.35
C LEU C 161 -48.70 25.03 13.49
N GLU C 162 -49.82 25.51 14.00
CA GLU C 162 -49.82 26.48 15.11
C GLU C 162 -49.16 25.94 16.38
N GLU C 163 -48.98 24.63 16.47
CA GLU C 163 -48.42 24.03 17.68
C GLU C 163 -46.91 23.76 17.60
N LEU C 164 -46.34 23.90 16.40
CA LEU C 164 -44.96 23.48 16.17
C LEU C 164 -43.88 24.43 16.69
N ALA C 165 -44.16 25.74 16.71
CA ALA C 165 -43.21 26.73 17.22
C ALA C 165 -43.26 26.84 18.75
N THR C 166 -42.19 26.39 19.42
CA THR C 166 -42.10 26.43 20.88
C THR C 166 -40.76 26.97 21.37
N GLU C 167 -40.64 27.18 22.67
CA GLU C 167 -39.36 27.58 23.26
C GLU C 167 -38.35 26.44 23.24
N GLU C 168 -38.84 25.20 23.27
CA GLU C 168 -37.97 24.04 23.15
C GLU C 168 -37.26 24.07 21.80
N GLU C 169 -38.00 24.40 20.75
CA GLU C 169 -37.40 24.48 19.42
C GLU C 169 -36.37 25.62 19.37
N TRP C 170 -36.66 26.72 20.06
CA TRP C 170 -35.67 27.79 20.18
C TRP C 170 -34.39 27.29 20.86
N ALA C 171 -34.57 26.47 21.89
CA ALA C 171 -33.44 25.87 22.60
C ALA C 171 -32.66 24.95 21.67
N LYS C 172 -33.38 24.17 20.87
CA LYS C 172 -32.74 23.25 19.93
C LYS C 172 -31.97 24.01 18.84
N VAL C 173 -32.46 25.19 18.47
CA VAL C 173 -31.75 26.01 17.49
C VAL C 173 -30.44 26.54 18.08
N GLU C 174 -30.52 27.12 19.27
CA GLU C 174 -29.33 27.62 19.94
CA GLU C 174 -29.33 27.61 19.96
C GLU C 174 -28.31 26.49 20.12
N ALA C 175 -28.78 25.32 20.52
CA ALA C 175 -27.90 24.18 20.71
C ALA C 175 -27.28 23.71 19.40
N GLY C 176 -28.06 23.76 18.33
CA GLY C 176 -27.55 23.42 17.01
C GLY C 176 -26.50 24.42 16.57
N LEU C 177 -26.77 25.70 16.78
CA LEU C 177 -25.81 26.76 16.45
C LEU C 177 -24.58 26.72 17.36
N ALA C 178 -24.75 26.25 18.58
CA ALA C 178 -23.61 26.11 19.48
C ALA C 178 -22.65 25.05 18.95
N LYS C 179 -23.21 23.98 18.41
CA LYS C 179 -22.39 22.91 17.83
C LYS C 179 -21.62 23.44 16.64
N LEU C 180 -22.32 24.14 15.74
CA LEU C 180 -21.68 24.72 14.56
C LEU C 180 -20.61 25.75 14.95
N LYS C 181 -20.89 26.56 15.97
CA LYS C 181 -19.91 27.52 16.47
C LYS C 181 -18.65 26.79 16.94
N GLY C 182 -18.86 25.67 17.63
CA GLY C 182 -17.75 24.83 18.05
C GLY C 182 -16.92 24.34 16.87
N TYR C 183 -17.56 23.94 15.78
CA TYR C 183 -16.82 23.48 14.60
C TYR C 183 -15.99 24.62 14.01
N LEU C 184 -16.63 25.76 13.83
CA LEU C 184 -15.95 26.96 13.31
C LEU C 184 -14.80 27.39 14.20
N ASP C 185 -14.94 27.18 15.51
CA ASP C 185 -13.90 27.56 16.45
C ASP C 185 -12.65 26.76 16.19
N ALA C 186 -12.80 25.55 15.64
CA ALA C 186 -11.65 24.72 15.35
C ALA C 186 -10.73 25.36 14.32
N ASN C 187 -11.25 26.28 13.53
CA ASN C 187 -10.42 27.00 12.56
C ASN C 187 -9.52 28.05 13.21
N GLY C 188 -9.86 28.46 14.42
CA GLY C 188 -9.10 29.50 15.11
C GLY C 188 -9.61 30.89 14.80
N LYS C 189 -9.29 31.84 15.68
CA LYS C 189 -9.71 33.24 15.52
C LYS C 189 -9.35 33.81 14.16
N GLY C 190 -10.26 34.61 13.60
CA GLY C 190 -10.05 35.17 12.29
C GLY C 190 -10.48 34.25 11.16
N ASN C 191 -10.60 32.95 11.47
CA ASN C 191 -11.00 31.97 10.47
C ASN C 191 -12.28 31.25 10.85
N ASP C 192 -13.03 31.84 11.78
CA ASP C 192 -14.19 31.15 12.35
C ASP C 192 -15.56 31.60 11.81
N LEU C 193 -15.57 32.26 10.65
CA LEU C 193 -16.82 32.68 10.04
C LEU C 193 -17.11 32.00 8.71
N LEU C 194 -16.17 31.21 8.21
CA LEU C 194 -16.44 30.31 7.09
C LEU C 194 -15.86 28.94 7.43
N LEU C 195 -16.52 27.89 6.96
CA LEU C 195 -16.07 26.52 7.24
C LEU C 195 -14.62 26.29 6.86
N MET C 196 -14.17 26.87 5.75
CA MET C 196 -12.79 26.69 5.34
C MET C 196 -11.91 27.87 5.68
N GLY C 197 -12.41 28.76 6.54
CA GLY C 197 -11.61 29.85 7.05
C GLY C 197 -11.69 31.08 6.18
N ALA C 198 -10.98 32.12 6.57
CA ALA C 198 -11.14 33.44 5.97
C ALA C 198 -10.67 33.48 4.52
N GLN C 199 -9.68 32.66 4.18
CA GLN C 199 -9.15 32.64 2.82
C GLN C 199 -9.57 31.41 2.00
N GLY C 200 -10.50 30.62 2.55
CA GLY C 200 -10.95 29.41 1.89
C GLY C 200 -12.09 29.62 0.91
N GLY C 201 -12.75 30.77 1.02
CA GLY C 201 -13.88 31.07 0.15
C GLY C 201 -15.15 30.38 0.62
N ILE C 202 -16.28 30.76 0.04
CA ILE C 202 -17.55 30.15 0.42
C ILE C 202 -17.70 28.75 -0.19
N THR C 203 -18.14 27.79 0.61
CA THR C 203 -18.45 26.47 0.07
C THR C 203 -19.95 26.24 0.05
N TYR C 204 -20.38 25.18 -0.62
CA TYR C 204 -21.78 24.80 -0.64
C TYR C 204 -22.30 24.61 0.79
N SER C 205 -21.46 24.05 1.65
CA SER C 205 -21.82 23.82 3.04
C SER C 205 -22.11 25.13 3.78
N ASP C 206 -21.33 26.17 3.52
CA ASP C 206 -21.63 27.49 4.10
C ASP C 206 -22.98 27.99 3.63
N ILE C 207 -23.23 27.84 2.33
CA ILE C 207 -24.49 28.21 1.71
C ILE C 207 -25.67 27.45 2.34
N GLN C 208 -25.48 26.17 2.68
CA GLN C 208 -26.53 25.42 3.36
C GLN C 208 -26.96 26.11 4.67
N ILE C 209 -25.99 26.59 5.43
CA ILE C 209 -26.28 27.29 6.69
C ILE C 209 -26.90 28.65 6.43
N ALA C 210 -26.33 29.40 5.50
CA ALA C 210 -26.91 30.68 5.10
C ALA C 210 -28.37 30.52 4.68
N SER C 211 -28.69 29.41 4.03
CA SER C 211 -30.03 29.20 3.48
CA SER C 211 -30.03 29.23 3.49
C SER C 211 -31.10 29.09 4.57
N PHE C 212 -30.69 28.59 5.74
CA PHE C 212 -31.60 28.54 6.89
C PHE C 212 -31.83 29.96 7.40
N PHE C 213 -30.76 30.78 7.41
CA PHE C 213 -30.89 32.15 7.86
C PHE C 213 -31.71 33.04 6.92
N VAL C 214 -31.54 32.89 5.60
CA VAL C 214 -32.33 33.70 4.67
C VAL C 214 -33.82 33.35 4.71
N TRP C 215 -34.09 32.06 4.84
CA TRP C 215 -35.44 31.52 4.98
C TRP C 215 -36.15 32.18 6.16
N ALA C 216 -35.50 32.16 7.31
CA ALA C 216 -36.07 32.77 8.51
C ALA C 216 -36.25 34.29 8.34
N LYS C 217 -35.23 34.94 7.77
CA LYS C 217 -35.26 36.39 7.58
C LYS C 217 -36.45 36.79 6.72
N ILE C 218 -36.66 36.06 5.63
CA ILE C 218 -37.70 36.37 4.66
C ILE C 218 -39.10 36.12 5.23
N ILE C 219 -39.25 35.00 5.92
CA ILE C 219 -40.54 34.61 6.49
C ILE C 219 -40.92 35.47 7.71
N TRP C 220 -39.97 35.71 8.62
CA TRP C 220 -40.24 36.50 9.82
C TRP C 220 -40.29 37.99 9.51
N GLY C 221 -39.46 38.41 8.57
CA GLY C 221 -39.30 39.83 8.26
C GLY C 221 -38.04 40.32 8.94
N GLU C 222 -37.22 41.07 8.21
CA GLU C 222 -35.93 41.46 8.72
C GLU C 222 -36.04 42.37 9.95
N GLY C 223 -37.15 43.10 10.05
CA GLY C 223 -37.37 44.00 11.17
C GLY C 223 -38.04 43.35 12.37
N SER C 224 -38.34 42.06 12.25
CA SER C 224 -39.07 41.33 13.28
C SER C 224 -38.23 41.08 14.53
N GLU C 225 -38.92 40.85 15.64
CA GLU C 225 -38.24 40.54 16.89
C GLU C 225 -37.67 39.12 16.89
N LYS C 226 -38.33 38.21 16.19
CA LYS C 226 -37.85 36.83 16.11
C LYS C 226 -36.53 36.75 15.34
N TRP C 227 -36.43 37.54 14.28
CA TRP C 227 -35.21 37.57 13.48
C TRP C 227 -34.07 38.11 14.31
N LYS C 228 -34.35 39.17 15.08
CA LYS C 228 -33.36 39.81 15.93
C LYS C 228 -32.86 38.83 16.99
N ARG C 229 -33.78 38.03 17.52
CA ARG C 229 -33.44 37.01 18.51
C ARG C 229 -32.47 35.99 17.93
N LEU C 230 -32.83 35.47 16.76
CA LEU C 230 -32.01 34.47 16.09
C LEU C 230 -30.63 34.99 15.75
N ILE C 231 -30.59 36.16 15.14
CA ILE C 231 -29.35 36.72 14.61
C ILE C 231 -28.39 37.20 15.72
N SER C 232 -28.94 37.44 16.91
CA SER C 232 -28.15 37.92 18.05
C SER C 232 -27.59 36.81 18.91
N LEU C 233 -27.93 35.56 18.58
CA LEU C 233 -27.42 34.42 19.32
C LEU C 233 -25.89 34.39 19.30
N HIS C 234 -25.32 33.87 20.39
CA HIS C 234 -23.88 33.69 20.54
C HIS C 234 -23.09 34.98 20.30
N ASP C 235 -23.53 36.04 20.98
CA ASP C 235 -22.91 37.37 20.91
C ASP C 235 -22.83 37.93 19.49
N GLY C 236 -23.88 37.70 18.70
CA GLY C 236 -23.99 38.27 17.37
C GLY C 236 -23.14 37.59 16.31
N LYS C 237 -22.60 36.41 16.61
CA LYS C 237 -21.77 35.68 15.64
C LYS C 237 -22.50 35.40 14.32
N TRP C 238 -23.78 35.06 14.41
CA TRP C 238 -24.53 34.65 13.24
C TRP C 238 -24.85 35.85 12.35
N ALA C 239 -24.98 37.02 12.97
CA ALA C 239 -25.14 38.25 12.23
C ALA C 239 -23.92 38.49 11.35
N GLN C 240 -22.74 38.21 11.89
CA GLN C 240 -21.51 38.40 11.12
C GLN C 240 -21.38 37.29 10.07
N PHE C 241 -21.76 36.07 10.44
CA PHE C 241 -21.72 34.97 9.48
C PHE C 241 -22.61 35.31 8.31
N TYR C 242 -23.89 35.54 8.61
CA TYR C 242 -24.91 35.72 7.58
C TYR C 242 -24.69 36.99 6.74
N ALA C 243 -23.94 37.96 7.27
CA ALA C 243 -23.69 39.20 6.54
C ALA C 243 -22.83 38.98 5.27
N GLN C 244 -22.05 37.90 5.27
CA GLN C 244 -21.18 37.58 4.14
C GLN C 244 -21.97 37.20 2.88
N PHE C 245 -23.25 36.90 3.06
CA PHE C 245 -24.09 36.35 1.99
C PHE C 245 -25.05 37.35 1.35
N THR C 246 -25.27 38.48 2.00
CA THR C 246 -26.31 39.40 1.55
C THR C 246 -26.05 39.99 0.15
N LYS C 247 -24.78 40.05 -0.25
CA LYS C 247 -24.44 40.50 -1.60
C LYS C 247 -24.78 39.46 -2.67
N PHE C 248 -25.23 38.29 -2.25
CA PHE C 248 -25.55 37.22 -3.22
C PHE C 248 -27.02 36.87 -3.22
N GLU C 249 -27.86 37.83 -2.86
CA GLU C 249 -29.29 37.60 -2.74
C GLU C 249 -30.11 38.23 -3.87
N GLN C 250 -29.49 38.34 -5.05
CA GLN C 250 -30.20 38.84 -6.24
C GLN C 250 -31.41 37.98 -6.57
N VAL C 251 -32.54 38.63 -6.81
CA VAL C 251 -33.77 37.95 -7.18
C VAL C 251 -34.36 38.57 -8.44
N ALA D 2 13.86 14.88 19.14
CA ALA D 2 14.88 13.87 19.37
C ALA D 2 14.57 12.97 20.57
N GLN D 3 13.91 13.51 21.59
CA GLN D 3 13.49 12.67 22.70
C GLN D 3 12.15 12.03 22.36
N PRO D 4 11.96 10.78 22.74
CA PRO D 4 10.67 10.09 22.57
C PRO D 4 9.61 10.84 23.35
N ILE D 5 8.47 11.05 22.72
CA ILE D 5 7.31 11.58 23.41
C ILE D 5 6.83 10.45 24.31
N VAL D 6 6.37 10.79 25.51
CA VAL D 6 5.79 9.78 26.38
C VAL D 6 4.28 9.65 26.14
N PHE D 7 3.84 8.44 25.78
CA PHE D 7 2.46 8.20 25.34
C PHE D 7 1.76 7.32 26.36
N TYR D 8 0.68 7.84 26.94
CA TYR D 8 -0.02 7.12 28.01
C TYR D 8 -1.20 6.33 27.44
N ASP D 9 -1.20 5.02 27.70
CA ASP D 9 -2.11 4.06 27.07
C ASP D 9 -2.57 3.02 28.12
N ILE D 10 -3.62 2.27 27.80
CA ILE D 10 -4.19 1.29 28.75
C ILE D 10 -3.75 -0.11 28.36
N PRO D 11 -3.14 -0.83 29.32
CA PRO D 11 -2.58 -2.16 29.05
C PRO D 11 -3.67 -3.24 28.92
N SER D 12 -3.26 -4.45 28.55
CA SER D 12 -4.17 -5.57 28.39
C SER D 12 -3.52 -6.87 28.89
N ASN D 13 -4.33 -7.93 29.01
CA ASN D 13 -3.84 -9.22 29.47
C ASN D 13 -3.39 -10.11 28.31
N GLU D 14 -3.22 -11.40 28.58
CA GLU D 14 -2.69 -12.32 27.58
C GLU D 14 -3.70 -12.69 26.50
N ARG D 15 -4.97 -12.45 26.75
CA ARG D 15 -6.00 -12.76 25.75
C ARG D 15 -5.71 -12.11 24.40
N ILE D 16 -5.15 -10.89 24.43
CA ILE D 16 -4.71 -10.24 23.20
C ILE D 16 -3.20 -9.96 23.18
N LYS D 17 -2.45 -10.80 23.90
CA LYS D 17 -0.99 -10.74 23.90
C LYS D 17 -0.46 -9.37 24.35
N HIS D 18 -1.17 -8.76 25.29
CA HIS D 18 -0.77 -7.48 25.87
C HIS D 18 -0.74 -6.32 24.87
N SER D 19 -1.45 -6.47 23.75
CA SER D 19 -1.52 -5.43 22.73
C SER D 19 -2.29 -4.20 23.21
N PRO D 20 -1.87 -3.00 22.73
CA PRO D 20 -2.74 -1.83 22.94
C PRO D 20 -4.03 -2.06 22.15
N TRP D 21 -5.15 -1.48 22.56
CA TRP D 21 -6.45 -1.91 22.03
C TRP D 21 -7.47 -0.75 21.93
N SER D 22 -7.29 0.26 22.77
CA SER D 22 -8.28 1.33 22.86
C SER D 22 -8.43 2.13 21.56
N PRO D 23 -9.67 2.34 21.12
CA PRO D 23 -9.90 3.11 19.89
C PRO D 23 -9.46 4.55 20.09
N ASN D 24 -9.57 5.06 21.31
CA ASN D 24 -9.19 6.46 21.56
C ASN D 24 -7.69 6.67 21.63
N THR D 25 -6.99 5.77 22.32
CA THR D 25 -5.53 5.89 22.31
C THR D 25 -4.94 5.51 20.94
N TRP D 26 -5.58 4.55 20.25
CA TRP D 26 -5.11 4.21 18.90
C TRP D 26 -5.14 5.38 17.92
N LYS D 27 -6.01 6.36 18.13
CA LYS D 27 -5.99 7.53 17.26
C LYS D 27 -4.64 8.22 17.35
N ILE D 28 -4.11 8.29 18.56
CA ILE D 28 -2.83 8.96 18.80
C ILE D 28 -1.65 8.04 18.48
N ARG D 29 -1.78 6.75 18.76
CA ARG D 29 -0.77 5.79 18.31
C ARG D 29 -0.61 5.86 16.79
N TYR D 30 -1.75 5.89 16.07
CA TYR D 30 -1.74 6.06 14.62
C TYR D 30 -1.10 7.41 14.21
N ALA D 31 -1.42 8.46 14.94
CA ALA D 31 -0.92 9.80 14.60
C ALA D 31 0.60 9.82 14.72
N LEU D 32 1.10 9.27 15.81
CA LEU D 32 2.54 9.23 16.07
C LEU D 32 3.26 8.38 15.02
N ASN D 33 2.74 7.18 14.77
CA ASN D 33 3.31 6.29 13.75
C ASN D 33 3.30 6.92 12.35
N TYR D 34 2.17 7.49 11.97
CA TYR D 34 2.00 8.14 10.67
C TYR D 34 2.99 9.28 10.48
N LYS D 35 3.13 10.09 11.52
CA LYS D 35 4.05 11.23 11.51
C LYS D 35 5.50 10.83 11.63
N GLY D 36 5.74 9.57 11.98
CA GLY D 36 7.09 9.08 12.16
C GLY D 36 7.79 9.66 13.39
N LEU D 37 7.03 10.01 14.42
CA LEU D 37 7.63 10.55 15.63
C LEU D 37 8.05 9.46 16.62
N LYS D 38 9.17 9.67 17.30
CA LYS D 38 9.63 8.76 18.34
C LYS D 38 8.74 8.88 19.57
N TYR D 39 8.38 7.75 20.15
CA TYR D 39 7.59 7.77 21.36
C TYR D 39 7.79 6.48 22.13
N LYS D 40 7.46 6.50 23.42
CA LYS D 40 7.44 5.29 24.20
C LYS D 40 6.14 5.24 24.99
N THR D 41 5.66 4.03 25.23
CA THR D 41 4.37 3.91 25.92
C THR D 41 4.56 3.73 27.44
N GLU D 42 3.84 4.54 28.21
CA GLU D 42 3.65 4.30 29.65
C GLU D 42 2.27 3.71 29.82
N TRP D 43 2.19 2.57 30.49
CA TRP D 43 0.93 1.84 30.64
C TRP D 43 0.22 2.23 31.93
N VAL D 44 -1.06 2.61 31.81
CA VAL D 44 -1.85 3.01 32.98
C VAL D 44 -3.19 2.28 33.06
N GLU D 45 -3.45 1.64 34.21
CA GLU D 45 -4.75 1.00 34.41
C GLU D 45 -5.87 2.05 34.56
N TYR D 46 -7.09 1.70 34.11
CA TYR D 46 -8.24 2.61 34.19
C TYR D 46 -8.40 3.37 35.50
N PRO D 47 -8.39 2.68 36.66
CA PRO D 47 -8.63 3.45 37.89
C PRO D 47 -7.42 4.31 38.30
N ASP D 48 -6.30 4.16 37.63
CA ASP D 48 -5.10 4.96 37.94
C ASP D 48 -4.96 6.19 37.03
N ILE D 49 -5.82 6.28 36.01
CA ILE D 49 -5.72 7.35 35.00
C ILE D 49 -5.81 8.75 35.61
N ALA D 50 -6.81 8.95 36.47
CA ALA D 50 -6.99 10.26 37.10
C ALA D 50 -5.76 10.72 37.87
N GLY D 51 -5.20 9.81 38.67
CA GLY D 51 -4.02 10.11 39.46
C GLY D 51 -2.80 10.45 38.62
N VAL D 52 -2.58 9.64 37.59
CA VAL D 52 -1.42 9.80 36.72
C VAL D 52 -1.47 11.09 35.94
N VAL D 53 -2.61 11.35 35.30
CA VAL D 53 -2.77 12.56 34.51
C VAL D 53 -2.66 13.81 35.39
N GLN D 54 -3.31 13.79 36.55
CA GLN D 54 -3.25 14.92 37.48
C GLN D 54 -1.81 15.18 37.92
N LYS D 55 -1.11 14.13 38.29
CA LYS D 55 0.29 14.22 38.69
C LYS D 55 1.18 14.79 37.57
N LEU D 56 0.95 14.37 36.33
CA LEU D 56 1.66 14.90 35.18
C LEU D 56 1.49 16.41 35.09
N GLY D 57 0.36 16.88 35.59
CA GLY D 57 0.03 18.29 35.50
C GLY D 57 -1.00 18.50 34.42
N GLY D 58 -1.61 17.40 33.99
CA GLY D 58 -2.60 17.43 32.92
C GLY D 58 -4.00 17.76 33.39
N LYS D 59 -4.89 18.03 32.45
CA LYS D 59 -6.26 18.40 32.78
C LYS D 59 -7.24 17.27 32.48
N PRO D 60 -8.38 17.26 33.17
CA PRO D 60 -9.45 16.33 32.79
C PRO D 60 -10.00 16.79 31.45
N THR D 61 -10.61 15.88 30.69
CA THR D 61 -11.13 16.26 29.40
C THR D 61 -12.64 16.50 29.44
N GLU D 62 -13.27 16.16 30.56
CA GLU D 62 -14.70 16.44 30.73
C GLU D 62 -15.12 16.44 32.19
N LYS D 63 -16.34 16.90 32.43
CA LYS D 63 -16.93 16.85 33.77
C LYS D 63 -18.06 15.82 33.79
N THR D 64 -18.09 15.01 34.85
CA THR D 64 -19.20 14.09 35.07
C THR D 64 -20.47 14.91 35.27
N PRO D 65 -21.65 14.29 35.05
CA PRO D 65 -22.91 15.00 35.26
C PRO D 65 -22.98 15.67 36.63
N ASP D 66 -22.47 14.99 37.65
CA ASP D 66 -22.44 15.52 39.01
C ASP D 66 -21.43 16.66 39.18
N GLY D 67 -20.58 16.87 38.18
CA GLY D 67 -19.66 17.99 38.18
C GLY D 67 -18.25 17.68 38.64
N ARG D 68 -17.93 16.40 38.78
CA ARG D 68 -16.58 15.98 39.14
C ARG D 68 -15.69 16.04 37.89
N ASP D 69 -14.37 16.08 38.10
CA ASP D 69 -13.42 16.03 37.00
C ASP D 69 -13.30 14.62 36.44
N HIS D 70 -13.37 14.48 35.13
CA HIS D 70 -13.21 13.17 34.50
C HIS D 70 -11.96 13.15 33.61
N TYR D 71 -10.95 12.40 34.04
CA TYR D 71 -9.71 12.28 33.27
C TYR D 71 -9.79 11.14 32.26
N THR D 72 -9.14 11.33 31.12
CA THR D 72 -9.10 10.28 30.09
C THR D 72 -7.73 10.12 29.45
N LEU D 73 -7.52 8.94 28.87
CA LEU D 73 -6.40 8.71 27.95
C LEU D 73 -6.95 8.70 26.51
N PRO D 74 -6.12 9.05 25.51
CA PRO D 74 -4.68 9.29 25.57
C PRO D 74 -4.29 10.64 26.15
N VAL D 75 -3.08 10.66 26.68
CA VAL D 75 -2.41 11.88 27.09
C VAL D 75 -0.96 11.68 26.62
N ILE D 76 -0.28 12.77 26.27
CA ILE D 76 1.15 12.66 26.02
C ILE D 76 1.94 13.62 26.88
N TYR D 77 3.18 13.25 27.18
CA TYR D 77 4.14 14.20 27.70
C TYR D 77 5.28 14.29 26.68
N ASP D 78 5.48 15.49 26.15
CA ASP D 78 6.53 15.72 25.16
C ASP D 78 7.71 16.39 25.88
N PRO D 79 8.78 15.60 26.13
CA PRO D 79 9.93 16.15 26.87
C PRO D 79 10.63 17.22 26.03
N ASN D 80 10.48 17.15 24.72
CA ASN D 80 11.10 18.14 23.84
C ASN D 80 10.54 19.56 24.00
N THR D 81 9.28 19.66 24.42
CA THR D 81 8.65 20.97 24.60
C THR D 81 8.22 21.18 26.06
N LYS D 82 8.37 20.15 26.87
CA LYS D 82 7.92 20.14 28.28
C LYS D 82 6.42 20.35 28.43
N LYS D 83 5.65 19.87 27.45
CA LYS D 83 4.20 20.05 27.50
C LYS D 83 3.46 18.74 27.72
N VAL D 84 2.42 18.80 28.53
CA VAL D 84 1.44 17.71 28.65
C VAL D 84 0.22 18.09 27.83
N VAL D 85 -0.25 17.20 26.96
CA VAL D 85 -1.42 17.48 26.11
C VAL D 85 -2.44 16.36 26.29
N GLU D 86 -3.69 16.72 26.57
CA GLU D 86 -4.79 15.76 26.76
C GLU D 86 -5.79 15.92 25.62
N ASP D 87 -6.71 14.95 25.51
CA ASP D 87 -7.77 14.95 24.49
C ASP D 87 -7.21 14.62 23.10
N SER D 88 -7.59 13.46 22.58
CA SER D 88 -7.02 12.93 21.33
C SER D 88 -6.99 13.96 20.19
N ALA D 89 -8.12 14.59 19.92
CA ALA D 89 -8.16 15.59 18.84
C ALA D 89 -7.13 16.72 19.05
N ALA D 90 -7.00 17.20 20.29
CA ALA D 90 -6.07 18.29 20.62
C ALA D 90 -4.63 17.81 20.51
N ILE D 91 -4.40 16.56 20.90
CA ILE D 91 -3.07 15.99 20.79
C ILE D 91 -2.67 15.95 19.32
N ALA D 92 -3.59 15.49 18.47
CA ALA D 92 -3.30 15.38 17.03
C ALA D 92 -3.00 16.77 16.43
N LYS D 93 -3.77 17.78 16.84
CA LYS D 93 -3.57 19.14 16.34
C LYS D 93 -2.22 19.69 16.83
N TYR D 94 -1.90 19.42 18.09
CA TYR D 94 -0.59 19.77 18.66
C TYR D 94 0.56 19.18 17.85
N LEU D 95 0.41 17.92 17.46
CA LEU D 95 1.43 17.25 16.66
C LEU D 95 1.58 17.92 15.27
N ASP D 96 0.48 18.39 14.67
CA ASP D 96 0.58 19.19 13.43
C ASP D 96 1.34 20.48 13.69
N GLU D 97 0.95 21.21 14.72
CA GLU D 97 1.49 22.55 14.94
C GLU D 97 2.93 22.53 15.42
N THR D 98 3.28 21.57 16.27
CA THR D 98 4.57 21.53 16.93
C THR D 98 5.62 20.79 16.10
N TYR D 99 5.14 19.94 15.21
CA TYR D 99 6.02 19.20 14.30
C TYR D 99 5.58 19.48 12.86
N PRO D 100 5.81 20.73 12.41
CA PRO D 100 5.31 21.19 11.10
C PRO D 100 5.91 20.40 9.95
N ASP D 101 7.05 19.75 10.14
CA ASP D 101 7.66 19.00 9.05
C ASP D 101 7.01 17.63 8.84
N THR D 102 6.15 17.21 9.77
CA THR D 102 5.51 15.90 9.61
C THR D 102 4.19 16.05 8.79
N PRO D 103 3.73 14.93 8.20
CA PRO D 103 2.51 15.02 7.38
C PRO D 103 1.30 15.49 8.20
N LYS D 104 0.48 16.37 7.63
CA LYS D 104 -0.64 16.97 8.34
C LYS D 104 -1.84 16.03 8.56
N LEU D 105 -2.41 16.09 9.77
CA LEU D 105 -3.65 15.36 10.07
C LEU D 105 -4.84 16.28 9.89
N PHE D 106 -4.60 17.59 10.01
CA PHE D 106 -5.59 18.61 9.71
C PHE D 106 -5.04 19.54 8.61
N PRO D 107 -5.21 19.15 7.34
CA PRO D 107 -4.78 20.06 6.25
C PRO D 107 -5.53 21.40 6.35
N ALA D 108 -4.89 22.47 5.87
CA ALA D 108 -5.47 23.81 5.96
C ALA D 108 -6.88 23.82 5.38
N GLY D 109 -7.79 24.52 6.04
CA GLY D 109 -9.16 24.62 5.57
C GLY D 109 -10.07 23.47 5.97
N THR D 110 -9.54 22.47 6.69
CA THR D 110 -10.36 21.29 7.04
C THR D 110 -10.77 21.19 8.52
N ASP D 111 -10.27 22.06 9.37
CA ASP D 111 -10.53 21.89 10.82
C ASP D 111 -12.02 21.84 11.20
N ALA D 112 -12.81 22.78 10.69
CA ALA D 112 -14.25 22.81 10.96
C ALA D 112 -14.97 21.56 10.42
N PHE D 113 -14.68 21.20 9.18
CA PHE D 113 -15.25 19.99 8.59
C PHE D 113 -14.89 18.75 9.38
N GLN D 114 -13.64 18.67 9.85
CA GLN D 114 -13.25 17.49 10.64
C GLN D 114 -13.92 17.48 12.01
N ALA D 115 -14.05 18.65 12.64
CA ALA D 115 -14.77 18.74 13.92
C ALA D 115 -16.20 18.20 13.78
N ALA D 116 -16.88 18.60 12.71
CA ALA D 116 -18.24 18.10 12.46
C ALA D 116 -18.28 16.58 12.24
N PHE D 117 -17.38 16.08 11.41
CA PHE D 117 -17.27 14.64 11.14
C PHE D 117 -16.98 13.82 12.39
N LEU D 118 -16.04 14.30 13.20
CA LEU D 118 -15.66 13.62 14.44
C LEU D 118 -16.80 13.58 15.43
N ASP D 119 -17.64 14.60 15.40
CA ASP D 119 -18.77 14.70 16.30
C ASP D 119 -19.81 13.63 15.94
N PHE D 120 -19.82 13.25 14.66
CA PHE D 120 -20.75 12.26 14.11
C PHE D 120 -20.27 10.81 14.31
N ALA D 121 -18.95 10.64 14.37
CA ALA D 121 -18.32 9.32 14.27
C ALA D 121 -18.73 8.33 15.36
N TRP D 122 -18.83 8.80 16.58
CA TRP D 122 -19.14 7.93 17.70
CA TRP D 122 -19.15 7.95 17.71
C TRP D 122 -20.62 7.51 17.72
N PRO D 123 -21.55 8.48 17.72
CA PRO D 123 -22.93 7.95 17.80
C PRO D 123 -23.39 7.20 16.55
N VAL D 124 -22.75 7.43 15.42
CA VAL D 124 -23.16 6.78 14.18
C VAL D 124 -22.48 5.42 13.94
N LEU D 125 -21.19 5.32 14.27
CA LEU D 125 -20.44 4.10 14.00
C LEU D 125 -19.74 3.51 15.23
N GLY D 126 -19.08 4.35 16.01
CA GLY D 126 -18.30 3.86 17.14
C GLY D 126 -19.15 3.21 18.24
N PHE D 127 -20.29 3.80 18.51
CA PHE D 127 -21.13 3.28 19.58
C PHE D 127 -21.69 1.87 19.31
N PRO D 128 -22.27 1.62 18.11
CA PRO D 128 -22.69 0.25 17.77
C PRO D 128 -21.54 -0.77 17.72
N VAL D 129 -20.37 -0.35 17.24
CA VAL D 129 -19.17 -1.19 17.27
C VAL D 129 -18.81 -1.50 18.72
N PHE D 130 -18.92 -0.49 19.58
CA PHE D 130 -18.64 -0.63 21.01
C PHE D 130 -19.47 -1.78 21.61
N MET D 131 -20.76 -1.82 21.27
CA MET D 131 -21.65 -2.86 21.81
C MET D 131 -21.25 -4.26 21.36
N LEU D 132 -20.67 -4.35 20.18
CA LEU D 132 -20.20 -5.62 19.66
C LEU D 132 -18.85 -6.05 20.21
N VAL D 133 -18.08 -5.13 20.81
CA VAL D 133 -16.75 -5.48 21.30
C VAL D 133 -16.55 -5.24 22.80
N ILE D 134 -17.56 -4.72 23.48
CA ILE D 134 -17.36 -4.29 24.88
C ILE D 134 -17.05 -5.44 25.87
N LEU D 135 -17.74 -6.58 25.73
CA LEU D 135 -17.49 -7.73 26.60
C LEU D 135 -16.08 -8.30 26.41
N ASP D 136 -15.69 -8.51 25.15
CA ASP D 136 -14.36 -9.03 24.88
C ASP D 136 -13.30 -8.02 25.29
N THR D 137 -13.62 -6.73 25.15
CA THR D 137 -12.75 -5.67 25.65
C THR D 137 -12.54 -5.86 27.17
N ALA D 138 -13.62 -5.90 27.92
CA ALA D 138 -13.52 -6.11 29.37
C ALA D 138 -12.64 -7.31 29.74
N ASN D 139 -12.82 -8.40 29.01
CA ASN D 139 -12.08 -9.64 29.31
C ASN D 139 -10.66 -9.64 28.77
N SER D 140 -10.26 -8.52 28.18
CA SER D 140 -8.88 -8.35 27.76
C SER D 140 -8.12 -7.44 28.70
N LEU D 141 -8.79 -6.95 29.74
CA LEU D 141 -8.19 -6.00 30.67
C LEU D 141 -7.55 -6.72 31.86
N LEU D 142 -6.52 -6.10 32.43
CA LEU D 142 -5.94 -6.56 33.70
C LEU D 142 -7.02 -6.41 34.77
N PRO D 143 -6.98 -7.23 35.84
CA PRO D 143 -8.08 -7.32 36.81
C PRO D 143 -8.59 -5.98 37.38
N ARG D 144 -7.70 -5.08 37.82
CA ARG D 144 -8.17 -3.81 38.38
C ARG D 144 -8.88 -2.98 37.31
N SER D 145 -8.35 -2.98 36.09
CA SER D 145 -8.98 -2.28 34.98
C SER D 145 -10.32 -2.92 34.62
N HIS D 146 -10.33 -4.26 34.54
CA HIS D 146 -11.56 -5.00 34.30
C HIS D 146 -12.70 -4.63 35.25
N ASP D 147 -12.43 -4.64 36.55
CA ASP D 147 -13.46 -4.28 37.53
C ASP D 147 -13.99 -2.88 37.31
N TYR D 148 -13.09 -1.93 37.15
CA TYR D 148 -13.46 -0.53 36.92
C TYR D 148 -14.30 -0.39 35.66
N PHE D 149 -13.85 -1.01 34.58
CA PHE D 149 -14.50 -0.92 33.28
C PHE D 149 -15.89 -1.56 33.32
N ARG D 150 -15.96 -2.80 33.79
CA ARG D 150 -17.24 -3.49 33.85
C ARG D 150 -18.21 -2.75 34.76
N SER D 151 -17.75 -2.34 35.94
CA SER D 151 -18.59 -1.62 36.88
C SER D 151 -19.16 -0.32 36.28
N THR D 152 -18.28 0.51 35.73
CA THR D 152 -18.74 1.81 35.22
C THR D 152 -19.60 1.66 33.97
N ARG D 153 -19.20 0.81 33.04
CA ARG D 153 -19.93 0.66 31.79
C ARG D 153 -21.26 -0.06 31.98
N GLU D 154 -21.31 -1.01 32.90
CA GLU D 154 -22.58 -1.68 33.20
C GLU D 154 -23.55 -0.72 33.87
N GLN D 155 -23.02 0.15 34.72
CA GLN D 155 -23.84 1.15 35.36
C GLN D 155 -24.40 2.13 34.33
N LYS D 156 -23.59 2.46 33.33
CA LYS D 156 -23.98 3.42 32.31
C LYS D 156 -25.08 2.88 31.39
N PHE D 157 -24.93 1.64 30.95
CA PHE D 157 -25.81 1.06 29.94
C PHE D 157 -26.97 0.24 30.53
N GLY D 158 -26.95 0.02 31.84
CA GLY D 158 -28.03 -0.67 32.52
C GLY D 158 -28.26 -2.11 32.11
N LYS D 159 -27.21 -2.77 31.61
CA LYS D 159 -27.26 -4.19 31.32
C LYS D 159 -25.91 -4.80 31.70
N LYS D 160 -25.84 -6.11 31.76
CA LYS D 160 -24.54 -6.78 31.87
C LYS D 160 -23.86 -6.68 30.50
N LEU D 161 -22.53 -6.63 30.49
CA LEU D 161 -21.77 -6.51 29.25
C LEU D 161 -22.09 -7.66 28.31
N GLU D 162 -22.39 -8.82 28.89
CA GLU D 162 -22.72 -10.02 28.13
C GLU D 162 -23.96 -9.82 27.24
N GLU D 163 -24.79 -8.85 27.61
CA GLU D 163 -26.08 -8.61 26.97
C GLU D 163 -26.08 -7.49 25.93
N LEU D 164 -24.93 -6.86 25.72
CA LEU D 164 -24.87 -5.67 24.86
C LEU D 164 -24.80 -5.99 23.37
N ALA D 165 -24.05 -7.03 23.02
CA ALA D 165 -23.89 -7.44 21.64
C ALA D 165 -25.13 -8.15 21.09
N THR D 166 -25.71 -7.58 20.03
CA THR D 166 -26.90 -8.13 19.37
C THR D 166 -26.80 -7.99 17.85
N GLU D 167 -27.60 -8.76 17.13
CA GLU D 167 -27.68 -8.64 15.67
C GLU D 167 -28.16 -7.26 15.25
N GLU D 168 -28.96 -6.64 16.12
CA GLU D 168 -29.44 -5.29 15.87
C GLU D 168 -28.27 -4.30 15.83
N GLU D 169 -27.25 -4.55 16.64
CA GLU D 169 -26.07 -3.69 16.64
C GLU D 169 -25.27 -3.90 15.36
N TRP D 170 -25.23 -5.13 14.89
CA TRP D 170 -24.56 -5.42 13.63
C TRP D 170 -25.21 -4.63 12.49
N ALA D 171 -26.53 -4.51 12.55
CA ALA D 171 -27.27 -3.73 11.54
C ALA D 171 -27.00 -2.23 11.69
N LYS D 172 -26.93 -1.73 12.92
CA LYS D 172 -26.57 -0.32 13.12
C LYS D 172 -25.16 -0.02 12.61
N VAL D 173 -24.24 -0.95 12.82
CA VAL D 173 -22.88 -0.83 12.31
C VAL D 173 -22.91 -0.77 10.80
N GLU D 174 -23.62 -1.70 10.17
CA GLU D 174 -23.72 -1.70 8.72
C GLU D 174 -24.36 -0.42 8.18
N ALA D 175 -25.39 0.05 8.86
CA ALA D 175 -26.07 1.29 8.48
C ALA D 175 -25.17 2.52 8.65
N GLY D 176 -24.39 2.54 9.74
CA GLY D 176 -23.44 3.61 9.98
C GLY D 176 -22.38 3.62 8.91
N LEU D 177 -21.90 2.43 8.57
CA LEU D 177 -20.93 2.29 7.48
C LEU D 177 -21.53 2.69 6.12
N ALA D 178 -22.82 2.43 5.93
CA ALA D 178 -23.48 2.80 4.68
C ALA D 178 -23.49 4.32 4.49
N LYS D 179 -23.77 5.05 5.56
CA LYS D 179 -23.68 6.51 5.51
C LYS D 179 -22.26 6.96 5.16
N LEU D 180 -21.26 6.36 5.82
CA LEU D 180 -19.88 6.73 5.59
C LEU D 180 -19.47 6.42 4.14
N LYS D 181 -19.89 5.26 3.65
CA LYS D 181 -19.65 4.91 2.24
C LYS D 181 -20.31 5.95 1.31
N GLY D 182 -21.50 6.40 1.67
CA GLY D 182 -22.16 7.46 0.93
C GLY D 182 -21.32 8.74 0.86
N TYR D 183 -20.78 9.16 2.00
CA TYR D 183 -19.94 10.36 2.03
C TYR D 183 -18.72 10.19 1.11
N LEU D 184 -18.06 9.04 1.24
CA LEU D 184 -16.87 8.73 0.44
C LEU D 184 -17.16 8.70 -1.07
N ASP D 185 -18.33 8.16 -1.43
CA ASP D 185 -18.76 8.08 -2.83
C ASP D 185 -18.79 9.45 -3.49
N ALA D 186 -19.05 10.49 -2.68
CA ALA D 186 -19.10 11.86 -3.19
C ALA D 186 -17.76 12.29 -3.79
N ASN D 187 -16.68 11.66 -3.34
CA ASN D 187 -15.35 11.94 -3.88
C ASN D 187 -15.18 11.42 -5.32
N GLY D 188 -16.01 10.46 -5.73
CA GLY D 188 -15.88 9.86 -7.05
C GLY D 188 -14.96 8.65 -7.09
N LYS D 189 -15.05 7.86 -8.15
CA LYS D 189 -14.28 6.61 -8.27
C LYS D 189 -12.78 6.85 -8.20
N GLY D 190 -12.09 5.96 -7.51
CA GLY D 190 -10.65 6.09 -7.32
C GLY D 190 -10.25 7.04 -6.21
N ASN D 191 -11.24 7.65 -5.56
CA ASN D 191 -10.99 8.64 -4.52
C ASN D 191 -11.90 8.39 -3.32
N ASP D 192 -12.48 7.20 -3.27
CA ASP D 192 -13.51 6.90 -2.29
C ASP D 192 -13.03 6.05 -1.13
N LEU D 193 -11.72 6.01 -0.91
CA LEU D 193 -11.19 5.22 0.21
C LEU D 193 -10.48 6.08 1.24
N LEU D 194 -10.40 7.38 0.97
CA LEU D 194 -9.96 8.37 1.96
C LEU D 194 -10.88 9.57 1.89
N LEU D 195 -11.14 10.21 3.02
CA LEU D 195 -12.06 11.35 3.05
C LEU D 195 -11.66 12.46 2.07
N MET D 196 -10.36 12.72 1.92
CA MET D 196 -9.91 13.75 0.98
C MET D 196 -9.40 13.17 -0.34
N GLY D 197 -9.73 11.92 -0.62
CA GLY D 197 -9.40 11.32 -1.90
C GLY D 197 -8.02 10.71 -1.96
N ALA D 198 -7.72 10.06 -3.09
CA ALA D 198 -6.47 9.31 -3.24
C ALA D 198 -5.23 10.19 -3.10
N GLN D 199 -5.34 11.44 -3.51
CA GLN D 199 -4.20 12.36 -3.50
C GLN D 199 -4.22 13.30 -2.29
N GLY D 200 -5.24 13.19 -1.45
CA GLY D 200 -5.44 14.16 -0.38
C GLY D 200 -4.70 13.83 0.91
N GLY D 201 -4.29 12.58 1.07
CA GLY D 201 -3.57 12.14 2.26
C GLY D 201 -4.49 11.70 3.39
N ILE D 202 -3.93 10.98 4.34
CA ILE D 202 -4.68 10.56 5.52
C ILE D 202 -4.95 11.73 6.46
N THR D 203 -6.18 11.87 6.93
CA THR D 203 -6.52 12.92 7.90
C THR D 203 -6.80 12.29 9.26
N TYR D 204 -6.84 13.13 10.29
CA TYR D 204 -7.25 12.65 11.62
C TYR D 204 -8.61 11.97 11.52
N SER D 205 -9.51 12.50 10.68
CA SER D 205 -10.83 11.90 10.53
C SER D 205 -10.77 10.47 9.97
N ASP D 206 -9.88 10.22 9.02
CA ASP D 206 -9.71 8.85 8.52
C ASP D 206 -9.20 7.94 9.65
N ILE D 207 -8.25 8.47 10.42
CA ILE D 207 -7.71 7.75 11.55
C ILE D 207 -8.79 7.39 12.59
N GLN D 208 -9.73 8.31 12.82
CA GLN D 208 -10.85 8.04 13.74
C GLN D 208 -11.63 6.78 13.32
N ILE D 209 -11.93 6.66 12.02
CA ILE D 209 -12.61 5.49 11.49
C ILE D 209 -11.74 4.24 11.58
N ALA D 210 -10.50 4.35 11.15
CA ALA D 210 -9.54 3.25 11.28
C ALA D 210 -9.40 2.75 12.72
N SER D 211 -9.50 3.65 13.69
CA SER D 211 -9.33 3.27 15.09
CA SER D 211 -9.33 3.27 15.09
C SER D 211 -10.47 2.38 15.56
N PHE D 212 -11.66 2.53 14.95
CA PHE D 212 -12.77 1.64 15.28
C PHE D 212 -12.45 0.23 14.77
N PHE D 213 -11.85 0.16 13.58
CA PHE D 213 -11.51 -1.12 12.96
C PHE D 213 -10.36 -1.84 13.67
N VAL D 214 -9.29 -1.13 13.99
CA VAL D 214 -8.17 -1.79 14.66
C VAL D 214 -8.60 -2.36 16.04
N TRP D 215 -9.43 -1.60 16.73
CA TRP D 215 -10.03 -1.98 18.01
C TRP D 215 -10.73 -3.33 17.87
N ALA D 216 -11.63 -3.41 16.91
CA ALA D 216 -12.35 -4.64 16.61
C ALA D 216 -11.40 -5.78 16.21
N LYS D 217 -10.45 -5.50 15.33
CA LYS D 217 -9.50 -6.52 14.89
C LYS D 217 -8.73 -7.13 16.06
N ILE D 218 -8.25 -6.26 16.94
CA ILE D 218 -7.42 -6.69 18.06
C ILE D 218 -8.24 -7.43 19.13
N ILE D 219 -9.41 -6.90 19.43
CA ILE D 219 -10.23 -7.47 20.48
C ILE D 219 -10.83 -8.82 20.06
N TRP D 220 -11.34 -8.90 18.82
CA TRP D 220 -11.94 -10.14 18.31
C TRP D 220 -10.89 -11.13 17.86
N GLY D 221 -9.81 -10.60 17.28
CA GLY D 221 -8.78 -11.44 16.69
C GLY D 221 -8.91 -11.39 15.19
N GLU D 222 -7.79 -11.22 14.51
CA GLU D 222 -7.79 -11.07 13.04
C GLU D 222 -8.22 -12.35 12.31
N GLY D 223 -8.13 -13.50 12.98
CA GLY D 223 -8.47 -14.78 12.37
C GLY D 223 -9.91 -15.17 12.66
N SER D 224 -10.64 -14.27 13.31
CA SER D 224 -11.97 -14.58 13.84
C SER D 224 -13.08 -14.39 12.81
N GLU D 225 -14.23 -14.99 13.10
CA GLU D 225 -15.40 -14.89 12.21
C GLU D 225 -16.01 -13.49 12.25
N LYS D 226 -16.07 -12.90 13.44
CA LYS D 226 -16.66 -11.57 13.58
C LYS D 226 -15.86 -10.48 12.85
N TRP D 227 -14.53 -10.53 12.95
CA TRP D 227 -13.68 -9.63 12.18
C TRP D 227 -13.94 -9.76 10.68
N LYS D 228 -13.98 -11.00 10.21
CA LYS D 228 -14.18 -11.24 8.78
C LYS D 228 -15.53 -10.68 8.33
N ARG D 229 -16.53 -10.80 9.17
CA ARG D 229 -17.86 -10.27 8.88
C ARG D 229 -17.83 -8.75 8.72
N LEU D 230 -17.22 -8.07 9.68
CA LEU D 230 -17.13 -6.61 9.69
C LEU D 230 -16.47 -6.09 8.41
N ILE D 231 -15.27 -6.57 8.11
CA ILE D 231 -14.54 -6.05 6.95
C ILE D 231 -15.08 -6.54 5.62
N SER D 232 -15.99 -7.51 5.65
CA SER D 232 -16.59 -8.01 4.42
C SER D 232 -17.75 -7.14 4.00
N LEU D 233 -18.22 -6.29 4.91
CA LEU D 233 -19.38 -5.45 4.65
C LEU D 233 -19.16 -4.59 3.40
N HIS D 234 -20.23 -4.34 2.66
CA HIS D 234 -20.16 -3.53 1.44
C HIS D 234 -19.13 -4.03 0.44
N ASP D 235 -19.19 -5.34 0.19
CA ASP D 235 -18.35 -6.02 -0.80
C ASP D 235 -16.86 -5.82 -0.56
N GLY D 236 -16.48 -5.76 0.71
CA GLY D 236 -15.08 -5.66 1.05
C GLY D 236 -14.51 -4.27 1.02
N LYS D 237 -15.34 -3.25 0.83
CA LYS D 237 -14.83 -1.87 0.85
C LYS D 237 -14.00 -1.58 2.11
N TRP D 238 -14.52 -2.00 3.25
CA TRP D 238 -13.86 -1.69 4.53
C TRP D 238 -12.52 -2.41 4.73
N ALA D 239 -12.39 -3.60 4.17
CA ALA D 239 -11.09 -4.26 4.13
C ALA D 239 -10.11 -3.40 3.35
N GLN D 240 -10.57 -2.75 2.30
CA GLN D 240 -9.69 -1.91 1.52
C GLN D 240 -9.40 -0.61 2.25
N PHE D 241 -10.39 -0.07 2.94
CA PHE D 241 -10.16 1.16 3.66
C PHE D 241 -9.13 0.91 4.76
N TYR D 242 -9.37 -0.15 5.52
CA TYR D 242 -8.57 -0.41 6.69
C TYR D 242 -7.14 -0.85 6.35
N ALA D 243 -6.94 -1.48 5.20
CA ALA D 243 -5.63 -1.96 4.79
C ALA D 243 -4.59 -0.84 4.67
N GLN D 244 -5.09 0.37 4.39
CA GLN D 244 -4.24 1.54 4.25
C GLN D 244 -3.50 1.92 5.53
N PHE D 245 -3.98 1.41 6.66
CA PHE D 245 -3.48 1.80 7.97
C PHE D 245 -2.54 0.78 8.60
N THR D 246 -2.46 -0.41 8.01
CA THR D 246 -1.75 -1.51 8.64
C THR D 246 -0.26 -1.23 8.73
N LYS D 247 0.25 -0.35 7.86
CA LYS D 247 1.64 0.05 7.92
C LYS D 247 1.95 0.98 9.11
N PHE D 248 0.91 1.43 9.82
CA PHE D 248 1.05 2.42 10.89
C PHE D 248 0.66 1.82 12.22
N GLU D 249 0.87 0.53 12.37
CA GLU D 249 0.44 -0.18 13.56
C GLU D 249 1.60 -0.68 14.40
N GLN D 250 2.71 0.05 14.34
CA GLN D 250 3.87 -0.22 15.17
C GLN D 250 3.55 -0.05 16.65
N VAL D 251 3.95 -1.05 17.43
CA VAL D 251 3.80 -0.97 18.86
C VAL D 251 5.19 -1.09 19.45
N ASP D 252 5.65 0.00 20.08
CA ASP D 252 6.99 0.08 20.65
C ASP D 252 7.30 -1.05 21.62
#